data_3NAL
#
_entry.id   3NAL
#
_cell.length_a   71.330
_cell.length_b   71.330
_cell.length_c   591.020
_cell.angle_alpha   90.000
_cell.angle_beta   90.000
_cell.angle_gamma   90.000
#
_symmetry.space_group_name_H-M   'P 41 21 2'
#
loop_
_entity.id
_entity.type
_entity.pdbx_description
1 polymer SERCA1a
2 non-polymer 'POTASSIUM ION'
3 non-polymer 'MAGNESIUM ION'
4 non-polymer '(3S,3aR,4S,6S,6aS,8R,9bS)-6-(acetyloxy)-3,3a-dihydroxy-3,6,9-trimethyl-8-{[(2Z)-2-methylbut-2-enoyl]oxy}-2-oxo-2,3,3a,4,5,6,6a,7,8,9b-decahydroazuleno[4,5-b]furan-4-yl dodecanoate'
5 water water
#
_entity_poly.entity_id   1
_entity_poly.type   'polypeptide(L)'
_entity_poly.pdbx_seq_one_letter_code
;MEAAHSKSTEECLAYFGVSETTGLTPDQVKRHLEKYGHNELPAEEGKSLWELVIEQFEDLLVRILLLAACISFVLAWFEE
GEETITAFVEPFVILLILIANAIVGVWQERNAENAIEALKEYEPEMGKVYRADRKSVQRIKARDIVPGDIVEVAVGDKVP
ADIRILSIKSTTLRVDQSILTGESVSVIKHTEPVPDPRAVNQDKKNMLFSGTNIAAGKALGIVATTGVSTEIGKIRDQMA
ATEQDKTPLQQKLDEFGEQLSKVISLICVAVWLINIGHFNDPVHGGSWIRGAIYYFKIAVALAVAAIPEGLPAVITTCLA
LGTRRMAKKNAIVRSLPSVETLGCTSVICSDKTGTLTTNQMSVCKMFIIDKVDGDFCSLNEFSITGSTYAPEGEVLKNDK
PIRSGQFDGLVELATICALCNDSSLDFNETKGVYEKVGEATETALTTLVEKMNVFNTEVRNLSKVERANACNSVIRQLMK
KEFTLEFSRDRKSMSVYCSPAKSSRAAVGNKMFVKGAPEGVIDRCNYVRVGTTRVPMTGPVKEKILSVIKEWGTGRDTLR
CLALATRDTPPKREEMVLDDSSRFMEYETDLTFVGVVGMLDPPRKEVMGSIQLCRDAGIRVIMITGDNKGTAIAICRRIG
IFGENEEVADRAYTGREFDDLPLAEQREACRRACCFARVEPSHKSKIVEYLQSYDEITAMTGDGVNDAPALKKAEIGIAM
GSGTAVAKTASEMVLADDNFSTIVAAVEEGRAIYNNMKQFIRYLISSNVGEVVCIFLTAALGLPEALIPVQLLWVNLVTD
GLPATALGFNPPDLDIMDRPPRSPKEPLISGWLFFRYMAIGGYVGAATVGAAAWWFMYAEDGPGVTYHQLTHFMQCTEDH
PHFEGLDCEIFEAPEPMTMALSVLVTIEMCNALNSLSENQSLMRMPPWVNIWLLGSICLSMSLHFLILYVDPLPMIFKLK
ALDLTQWLMVLKISLPVIGLDEILKFIARNYLEG
;
_entity_poly.pdbx_strand_id   A
#
# COMPACT_ATOMS: atom_id res chain seq x y z
N MET A 1 -30.45 -2.37 17.35
CA MET A 1 -30.13 -1.52 18.55
C MET A 1 -28.67 -1.26 18.93
N GLU A 2 -28.16 -0.09 18.57
CA GLU A 2 -26.78 0.32 18.87
C GLU A 2 -26.74 0.73 20.34
N ALA A 3 -25.63 1.28 20.78
CA ALA A 3 -25.54 1.74 22.18
C ALA A 3 -25.88 0.66 23.25
N ALA A 4 -26.21 -0.55 22.80
CA ALA A 4 -26.53 -1.67 23.69
C ALA A 4 -25.55 -1.77 24.85
N HIS A 5 -24.32 -1.32 24.61
CA HIS A 5 -23.26 -1.38 25.61
C HIS A 5 -23.41 -0.45 26.80
N SER A 6 -24.10 0.66 26.61
CA SER A 6 -24.32 1.66 27.67
C SER A 6 -25.63 1.37 28.39
N LYS A 7 -26.39 0.44 27.85
CA LYS A 7 -27.65 0.03 28.43
C LYS A 7 -27.41 -1.11 29.40
N SER A 8 -28.39 -1.38 30.25
CA SER A 8 -28.29 -2.45 31.21
C SER A 8 -28.79 -3.73 30.55
N THR A 9 -28.43 -4.87 31.14
CA THR A 9 -28.87 -6.18 30.66
C THR A 9 -30.40 -6.17 30.51
N GLU A 10 -31.08 -5.63 31.54
CA GLU A 10 -32.53 -5.55 31.56
C GLU A 10 -33.06 -4.62 30.48
N GLU A 11 -32.53 -3.41 30.41
CA GLU A 11 -32.97 -2.46 29.38
C GLU A 11 -32.90 -3.09 27.98
N CYS A 12 -31.88 -3.91 27.71
CA CYS A 12 -31.77 -4.53 26.40
C CYS A 12 -32.81 -5.60 26.17
N LEU A 13 -33.23 -6.27 27.24
CA LEU A 13 -34.24 -7.31 27.11
C LEU A 13 -35.57 -6.60 26.94
N ALA A 14 -35.70 -5.48 27.64
CA ALA A 14 -36.90 -4.67 27.57
C ALA A 14 -37.04 -4.11 26.14
N TYR A 15 -36.04 -3.36 25.70
CA TYR A 15 -36.07 -2.76 24.36
C TYR A 15 -36.63 -3.73 23.31
N PHE A 16 -36.04 -4.92 23.19
CA PHE A 16 -36.51 -5.89 22.21
C PHE A 16 -37.73 -6.64 22.67
N GLY A 17 -37.99 -6.60 23.97
CA GLY A 17 -39.11 -7.34 24.50
C GLY A 17 -38.91 -8.85 24.29
N VAL A 18 -37.85 -9.38 24.89
CA VAL A 18 -37.57 -10.80 24.77
C VAL A 18 -37.16 -11.36 26.13
N SER A 19 -37.43 -12.64 26.35
CA SER A 19 -37.10 -13.29 27.62
C SER A 19 -35.79 -14.04 27.52
N GLU A 20 -34.88 -13.70 28.42
CA GLU A 20 -33.56 -14.34 28.47
C GLU A 20 -33.75 -15.84 28.59
N THR A 21 -34.90 -16.24 29.12
CA THR A 21 -35.21 -17.65 29.33
C THR A 21 -35.88 -18.35 28.18
N THR A 22 -36.76 -17.65 27.46
CA THR A 22 -37.44 -18.27 26.33
C THR A 22 -36.76 -18.05 25.01
N GLY A 23 -36.36 -16.80 24.76
CA GLY A 23 -35.75 -16.45 23.49
C GLY A 23 -36.88 -16.01 22.58
N LEU A 24 -36.57 -15.22 21.56
CA LEU A 24 -37.62 -14.74 20.65
C LEU A 24 -38.54 -15.86 20.19
N THR A 25 -39.78 -15.50 19.86
CA THR A 25 -40.77 -16.46 19.38
C THR A 25 -40.75 -16.40 17.84
N PRO A 26 -41.41 -17.35 17.17
CA PRO A 26 -41.38 -17.29 15.71
C PRO A 26 -42.04 -16.03 15.15
N ASP A 27 -43.03 -15.51 15.85
CA ASP A 27 -43.68 -14.29 15.36
C ASP A 27 -42.74 -13.11 15.57
N GLN A 28 -41.86 -13.22 16.56
CA GLN A 28 -40.94 -12.13 16.80
C GLN A 28 -39.81 -12.26 15.80
N VAL A 29 -39.42 -13.51 15.52
CA VAL A 29 -38.34 -13.79 14.59
C VAL A 29 -38.65 -13.28 13.20
N LYS A 30 -39.71 -13.80 12.57
CA LYS A 30 -40.06 -13.37 11.23
C LYS A 30 -40.37 -11.88 11.09
N ARG A 31 -40.80 -11.28 12.19
CA ARG A 31 -41.12 -9.86 12.18
C ARG A 31 -39.83 -9.03 12.20
N HIS A 32 -38.90 -9.43 13.05
CA HIS A 32 -37.60 -8.77 13.19
C HIS A 32 -36.78 -8.94 11.90
N LEU A 33 -36.93 -10.09 11.26
CA LEU A 33 -36.21 -10.36 10.05
C LEU A 33 -36.68 -9.47 8.90
N GLU A 34 -37.94 -9.02 8.93
CA GLU A 34 -38.46 -8.16 7.86
C GLU A 34 -38.16 -6.69 8.19
N LYS A 35 -37.54 -6.46 9.34
CA LYS A 35 -37.18 -5.11 9.73
C LYS A 35 -35.67 -4.91 9.72
N TYR A 36 -34.95 -5.98 10.05
CA TYR A 36 -33.50 -5.93 10.13
C TYR A 36 -32.82 -6.70 9.00
N GLY A 37 -33.59 -7.46 8.25
CA GLY A 37 -33.01 -8.21 7.15
C GLY A 37 -32.16 -9.35 7.69
N HIS A 38 -31.43 -10.03 6.82
CA HIS A 38 -30.58 -11.12 7.27
C HIS A 38 -29.23 -10.67 7.86
N ASN A 39 -28.64 -11.55 8.67
CA ASN A 39 -27.36 -11.26 9.29
C ASN A 39 -26.24 -11.67 8.37
N GLU A 40 -25.88 -10.77 7.46
CA GLU A 40 -24.82 -11.06 6.51
C GLU A 40 -24.50 -9.81 5.71
N LEU A 41 -23.28 -9.74 5.21
CA LEU A 41 -22.87 -8.61 4.40
C LEU A 41 -23.35 -8.81 2.97
N PRO A 42 -23.68 -7.72 2.26
CA PRO A 42 -24.16 -7.80 0.87
C PRO A 42 -23.28 -8.65 -0.06
N ALA A 43 -23.87 -9.09 -1.17
CA ALA A 43 -23.18 -9.93 -2.13
C ALA A 43 -21.95 -9.28 -2.77
N GLU A 44 -21.59 -9.75 -3.96
CA GLU A 44 -20.44 -9.26 -4.71
C GLU A 44 -20.84 -8.38 -5.89
N GLU A 45 -19.84 -7.71 -6.45
CA GLU A 45 -20.09 -6.83 -7.59
C GLU A 45 -20.33 -7.73 -8.81
N GLY A 46 -21.51 -7.60 -9.40
CA GLY A 46 -21.84 -8.41 -10.55
C GLY A 46 -21.21 -7.88 -11.83
N LYS A 47 -20.19 -8.58 -12.32
CA LYS A 47 -19.52 -8.23 -13.58
C LYS A 47 -19.39 -9.56 -14.30
N SER A 48 -19.69 -9.58 -15.60
CA SER A 48 -19.60 -10.84 -16.33
C SER A 48 -18.69 -10.70 -17.53
N LEU A 49 -18.33 -11.82 -18.14
CA LEU A 49 -17.51 -11.75 -19.33
C LEU A 49 -18.08 -10.66 -20.21
N TRP A 50 -19.36 -10.77 -20.55
CA TRP A 50 -20.00 -9.74 -21.39
C TRP A 50 -19.60 -8.37 -20.87
N GLU A 51 -19.88 -8.10 -19.61
CA GLU A 51 -19.55 -6.82 -18.99
C GLU A 51 -18.03 -6.64 -18.90
N LEU A 52 -17.34 -7.64 -18.34
CA LEU A 52 -15.89 -7.58 -18.20
C LEU A 52 -15.20 -7.34 -19.54
N VAL A 53 -15.48 -8.19 -20.51
CA VAL A 53 -14.90 -8.07 -21.84
C VAL A 53 -15.21 -6.74 -22.49
N ILE A 54 -16.41 -6.21 -22.30
CA ILE A 54 -16.75 -4.92 -22.88
C ILE A 54 -15.66 -3.91 -22.58
N GLU A 55 -15.56 -3.49 -21.33
CA GLU A 55 -14.55 -2.50 -20.93
C GLU A 55 -13.25 -2.64 -21.73
N GLN A 56 -12.81 -3.89 -21.91
CA GLN A 56 -11.59 -4.18 -22.67
C GLN A 56 -11.64 -3.55 -24.06
N PHE A 57 -12.81 -3.03 -24.43
CA PHE A 57 -13.02 -2.39 -25.73
C PHE A 57 -13.70 -1.03 -25.56
N GLU A 58 -13.51 -0.44 -24.39
CA GLU A 58 -14.09 0.86 -24.08
C GLU A 58 -13.11 1.97 -24.35
N ASP A 59 -11.83 1.69 -24.08
CA ASP A 59 -10.77 2.66 -24.28
C ASP A 59 -10.87 3.25 -25.69
N LEU A 60 -10.76 4.57 -25.78
CA LEU A 60 -10.85 5.24 -27.07
C LEU A 60 -9.85 4.65 -28.07
N LEU A 61 -8.60 4.47 -27.66
CA LEU A 61 -7.62 3.88 -28.57
C LEU A 61 -8.10 2.54 -29.12
N VAL A 62 -8.48 1.63 -28.23
CA VAL A 62 -8.98 0.33 -28.64
C VAL A 62 -10.16 0.47 -29.60
N ARG A 63 -11.06 1.41 -29.29
CA ARG A 63 -12.21 1.61 -30.14
C ARG A 63 -11.71 1.98 -31.52
N ILE A 64 -10.85 3.01 -31.60
CA ILE A 64 -10.29 3.42 -32.87
C ILE A 64 -9.69 2.25 -33.67
N LEU A 65 -8.95 1.36 -33.00
CA LEU A 65 -8.38 0.22 -33.69
C LEU A 65 -9.44 -0.75 -34.18
N LEU A 66 -10.37 -1.09 -33.29
CA LEU A 66 -11.43 -2.01 -33.67
C LEU A 66 -12.07 -1.53 -34.96
N LEU A 67 -12.32 -0.23 -35.03
CA LEU A 67 -12.93 0.37 -36.23
C LEU A 67 -12.01 0.12 -37.43
N ALA A 68 -10.77 0.54 -37.32
CA ALA A 68 -9.77 0.36 -38.38
C ALA A 68 -9.67 -1.10 -38.82
N ALA A 69 -9.64 -2.02 -37.85
CA ALA A 69 -9.54 -3.45 -38.15
C ALA A 69 -10.69 -3.80 -39.11
N CYS A 70 -11.83 -3.16 -38.91
CA CYS A 70 -12.98 -3.39 -39.78
C CYS A 70 -12.74 -2.84 -41.17
N ILE A 71 -12.58 -1.53 -41.29
CA ILE A 71 -12.31 -0.95 -42.60
C ILE A 71 -11.28 -1.86 -43.30
N SER A 72 -10.23 -2.21 -42.57
CA SER A 72 -9.19 -3.10 -43.11
C SER A 72 -9.81 -4.39 -43.63
N PHE A 73 -10.58 -5.06 -42.76
CA PHE A 73 -11.23 -6.31 -43.09
C PHE A 73 -12.09 -6.20 -44.34
N VAL A 74 -12.84 -5.12 -44.45
CA VAL A 74 -13.69 -4.88 -45.61
C VAL A 74 -12.85 -4.80 -46.88
N LEU A 75 -11.93 -3.84 -46.93
CA LEU A 75 -11.05 -3.68 -48.08
C LEU A 75 -10.30 -4.98 -48.36
N ALA A 76 -9.72 -5.54 -47.30
CA ALA A 76 -8.92 -6.77 -47.37
C ALA A 76 -9.62 -7.88 -48.14
N TRP A 77 -10.95 -7.85 -48.08
CA TRP A 77 -11.78 -8.84 -48.73
C TRP A 77 -12.66 -8.11 -49.73
N PHE A 78 -12.04 -7.27 -50.54
CA PHE A 78 -12.81 -6.50 -51.50
C PHE A 78 -11.90 -6.02 -52.61
N GLU A 79 -10.92 -6.83 -52.96
CA GLU A 79 -10.03 -6.42 -54.04
C GLU A 79 -9.81 -7.65 -54.90
N GLU A 80 -8.85 -7.57 -55.82
CA GLU A 80 -8.53 -8.67 -56.75
C GLU A 80 -8.83 -10.07 -56.24
N GLY A 81 -9.21 -10.95 -57.16
CA GLY A 81 -9.52 -12.32 -56.78
C GLY A 81 -8.45 -13.04 -55.99
N GLU A 82 -7.19 -12.74 -56.31
CA GLU A 82 -6.06 -13.38 -55.67
C GLU A 82 -4.79 -12.59 -55.93
N GLU A 83 -4.95 -11.33 -56.34
CA GLU A 83 -3.79 -10.48 -56.63
C GLU A 83 -2.77 -10.58 -55.54
N THR A 84 -3.25 -10.90 -54.35
CA THR A 84 -2.40 -11.02 -53.15
C THR A 84 -3.26 -11.50 -51.97
N ILE A 85 -3.73 -12.75 -51.96
CA ILE A 85 -4.55 -13.33 -50.85
C ILE A 85 -4.20 -12.79 -49.42
N THR A 86 -2.91 -12.52 -49.21
CA THR A 86 -2.37 -11.91 -47.98
C THR A 86 -3.15 -10.61 -47.63
N ALA A 87 -4.24 -10.35 -48.35
CA ALA A 87 -5.06 -9.16 -48.13
C ALA A 87 -5.66 -9.22 -46.74
N PHE A 88 -5.73 -10.42 -46.19
CA PHE A 88 -6.29 -10.64 -44.86
C PHE A 88 -5.32 -10.58 -43.68
N VAL A 89 -4.02 -10.69 -43.94
CA VAL A 89 -3.06 -10.63 -42.85
C VAL A 89 -3.06 -9.28 -42.17
N GLU A 90 -3.68 -8.27 -42.80
CA GLU A 90 -3.74 -6.95 -42.18
C GLU A 90 -4.83 -6.91 -41.11
N PRO A 91 -6.11 -7.10 -41.48
CA PRO A 91 -7.12 -7.06 -40.43
C PRO A 91 -6.94 -8.11 -39.33
N PHE A 92 -6.46 -9.29 -39.71
CA PHE A 92 -6.24 -10.36 -38.76
C PHE A 92 -5.28 -10.00 -37.64
N VAL A 93 -4.15 -9.41 -38.01
CA VAL A 93 -3.16 -9.04 -37.01
C VAL A 93 -3.73 -8.02 -36.03
N ILE A 94 -4.40 -7.00 -36.54
CA ILE A 94 -5.01 -6.00 -35.68
C ILE A 94 -5.92 -6.67 -34.68
N LEU A 95 -6.78 -7.55 -35.18
CA LEU A 95 -7.70 -8.26 -34.31
C LEU A 95 -6.97 -9.03 -33.23
N LEU A 96 -5.92 -9.74 -33.64
CA LEU A 96 -5.15 -10.51 -32.66
C LEU A 96 -4.67 -9.58 -31.56
N ILE A 97 -4.29 -8.37 -31.94
CA ILE A 97 -3.82 -7.37 -30.99
C ILE A 97 -4.90 -7.13 -29.96
N LEU A 98 -6.01 -6.56 -30.44
CA LEU A 98 -7.14 -6.28 -29.58
C LEU A 98 -7.51 -7.52 -28.78
N ILE A 99 -7.68 -8.65 -29.48
CA ILE A 99 -8.06 -9.89 -28.80
C ILE A 99 -7.07 -10.24 -27.71
N ALA A 100 -5.78 -10.18 -28.04
CA ALA A 100 -4.75 -10.49 -27.07
C ALA A 100 -4.78 -9.54 -25.88
N ASN A 101 -4.95 -8.25 -26.11
CA ASN A 101 -4.95 -7.34 -24.97
C ASN A 101 -6.18 -7.56 -24.11
N ALA A 102 -7.26 -8.03 -24.73
CA ALA A 102 -8.48 -8.28 -23.98
C ALA A 102 -8.24 -9.50 -23.11
N ILE A 103 -7.71 -10.56 -23.72
CA ILE A 103 -7.43 -11.79 -22.99
C ILE A 103 -6.52 -11.46 -21.80
N VAL A 104 -5.81 -10.34 -21.90
CA VAL A 104 -4.91 -9.92 -20.84
C VAL A 104 -5.76 -9.24 -19.77
N GLY A 105 -6.49 -8.21 -20.18
CA GLY A 105 -7.34 -7.52 -19.23
C GLY A 105 -8.14 -8.51 -18.39
N VAL A 106 -8.80 -9.45 -19.05
CA VAL A 106 -9.61 -10.44 -18.35
C VAL A 106 -8.81 -11.29 -17.36
N TRP A 107 -7.85 -12.07 -17.86
CA TRP A 107 -7.04 -12.93 -17.00
C TRP A 107 -6.49 -12.09 -15.87
N GLN A 108 -6.09 -10.86 -16.20
CA GLN A 108 -5.54 -9.93 -15.22
C GLN A 108 -6.51 -9.77 -14.06
N GLU A 109 -7.66 -9.18 -14.33
CA GLU A 109 -8.68 -8.94 -13.31
C GLU A 109 -9.17 -10.19 -12.60
N ARG A 110 -9.35 -11.28 -13.34
CA ARG A 110 -9.84 -12.51 -12.74
C ARG A 110 -8.96 -12.96 -11.57
N ASN A 111 -7.66 -12.65 -11.64
CA ASN A 111 -6.74 -13.05 -10.59
C ASN A 111 -6.61 -12.00 -9.49
N ALA A 112 -7.49 -11.00 -9.54
CA ALA A 112 -7.49 -9.96 -8.53
C ALA A 112 -8.28 -10.49 -7.34
N GLU A 113 -8.45 -9.67 -6.32
CA GLU A 113 -9.19 -10.09 -5.13
C GLU A 113 -9.75 -8.88 -4.37
N ASN A 114 -11.05 -8.96 -4.07
CA ASN A 114 -11.76 -7.90 -3.37
C ASN A 114 -11.45 -7.90 -1.87
N ALA A 115 -11.14 -6.72 -1.32
CA ALA A 115 -10.86 -6.61 0.10
C ALA A 115 -12.16 -6.86 0.86
N ILE A 116 -13.28 -6.41 0.29
CA ILE A 116 -14.59 -6.60 0.90
C ILE A 116 -14.93 -8.10 0.92
N GLU A 117 -14.52 -8.82 -0.11
CA GLU A 117 -14.77 -10.26 -0.18
C GLU A 117 -14.02 -10.96 0.93
N ALA A 118 -12.84 -10.43 1.24
CA ALA A 118 -11.99 -10.98 2.28
C ALA A 118 -12.67 -10.90 3.64
N LEU A 119 -13.59 -9.95 3.79
CA LEU A 119 -14.31 -9.78 5.04
C LEU A 119 -15.15 -11.01 5.39
N LYS A 120 -15.73 -11.63 4.37
CA LYS A 120 -16.59 -12.80 4.54
C LYS A 120 -15.87 -14.00 5.17
N GLU A 121 -14.57 -13.91 5.29
CA GLU A 121 -13.87 -15.00 5.91
C GLU A 121 -14.13 -14.93 7.42
N TYR A 122 -14.70 -13.82 7.89
CA TYR A 122 -15.00 -13.64 9.33
C TYR A 122 -16.46 -13.89 9.69
N GLU A 123 -17.22 -14.43 8.74
CA GLU A 123 -18.64 -14.72 8.97
C GLU A 123 -18.83 -16.20 9.22
N PRO A 124 -19.22 -16.56 10.45
CA PRO A 124 -19.40 -17.99 10.70
C PRO A 124 -20.61 -18.50 9.89
N GLU A 125 -20.66 -19.80 9.62
CA GLU A 125 -21.78 -20.32 8.88
C GLU A 125 -22.96 -20.62 9.81
N MET A 126 -22.64 -21.11 11.01
CA MET A 126 -23.68 -21.46 11.98
C MET A 126 -23.57 -20.60 13.22
N GLY A 127 -24.64 -20.62 14.03
CA GLY A 127 -24.70 -19.87 15.27
C GLY A 127 -25.59 -20.62 16.25
N LYS A 128 -25.63 -20.21 17.52
CA LYS A 128 -26.44 -20.89 18.55
C LYS A 128 -27.40 -19.96 19.28
N VAL A 129 -28.69 -20.22 19.12
CA VAL A 129 -29.74 -19.41 19.75
C VAL A 129 -30.76 -20.24 20.53
N TYR A 130 -31.44 -19.54 21.41
CA TYR A 130 -32.48 -20.11 22.23
C TYR A 130 -33.73 -19.35 21.82
N ARG A 131 -34.65 -20.05 21.16
CA ARG A 131 -35.90 -19.45 20.73
C ARG A 131 -37.04 -20.21 21.38
N ALA A 132 -38.22 -19.60 21.41
CA ALA A 132 -39.38 -20.23 22.00
C ALA A 132 -39.75 -21.59 21.38
N ASP A 133 -39.56 -21.73 20.07
CA ASP A 133 -39.92 -22.97 19.37
C ASP A 133 -39.18 -24.24 19.84
N ARG A 134 -38.56 -24.17 21.01
CA ARG A 134 -37.82 -25.29 21.61
C ARG A 134 -37.11 -24.81 22.88
N LYS A 135 -37.01 -25.69 23.87
CA LYS A 135 -36.37 -25.33 25.14
C LYS A 135 -34.85 -25.50 25.06
N SER A 136 -34.42 -26.42 24.21
CA SER A 136 -33.01 -26.70 24.03
C SER A 136 -32.44 -25.71 22.98
N VAL A 137 -31.11 -25.60 22.95
CA VAL A 137 -30.44 -24.70 22.00
C VAL A 137 -30.49 -25.21 20.56
N GLN A 138 -30.63 -24.28 19.62
CA GLN A 138 -30.68 -24.61 18.20
C GLN A 138 -29.45 -24.05 17.49
N ARG A 139 -28.81 -24.86 16.66
CA ARG A 139 -27.63 -24.44 15.93
C ARG A 139 -28.01 -24.07 14.50
N ILE A 140 -28.57 -22.87 14.32
CA ILE A 140 -29.00 -22.41 13.00
C ILE A 140 -27.90 -21.78 12.16
N LYS A 141 -28.27 -21.21 11.01
CA LYS A 141 -27.30 -20.56 10.13
C LYS A 141 -27.22 -19.08 10.49
N ALA A 142 -25.99 -18.63 10.74
CA ALA A 142 -25.71 -17.26 11.14
C ALA A 142 -26.55 -16.23 10.40
N ARG A 143 -26.71 -16.46 9.11
CA ARG A 143 -27.47 -15.58 8.24
C ARG A 143 -28.89 -15.35 8.76
N ASP A 144 -29.36 -16.29 9.58
CA ASP A 144 -30.72 -16.23 10.12
C ASP A 144 -30.87 -15.75 11.55
N ILE A 145 -29.78 -15.22 12.13
CA ILE A 145 -29.82 -14.68 13.48
C ILE A 145 -30.41 -13.26 13.35
N VAL A 146 -31.12 -12.79 14.37
CA VAL A 146 -31.77 -11.50 14.27
C VAL A 146 -31.55 -10.66 15.52
N PRO A 147 -31.72 -9.34 15.42
CA PRO A 147 -31.51 -8.48 16.59
C PRO A 147 -32.53 -8.75 17.67
N GLY A 148 -32.06 -9.07 18.86
CA GLY A 148 -32.97 -9.34 19.95
C GLY A 148 -32.90 -10.78 20.44
N ASP A 149 -32.78 -11.77 19.55
CA ASP A 149 -32.78 -13.13 20.07
C ASP A 149 -31.55 -13.49 20.91
N ILE A 150 -31.79 -14.39 21.86
CA ILE A 150 -30.80 -14.88 22.79
C ILE A 150 -29.84 -15.83 22.11
N VAL A 151 -28.56 -15.50 22.25
CA VAL A 151 -27.48 -16.27 21.63
C VAL A 151 -26.56 -16.86 22.69
N GLU A 152 -25.94 -17.98 22.34
CA GLU A 152 -25.03 -18.67 23.23
C GLU A 152 -23.72 -18.95 22.52
N VAL A 153 -22.61 -18.54 23.13
CA VAL A 153 -21.28 -18.75 22.56
C VAL A 153 -20.33 -19.39 23.57
N ALA A 154 -19.31 -20.06 23.06
CA ALA A 154 -18.32 -20.71 23.91
C ALA A 154 -16.97 -20.85 23.19
N VAL A 155 -15.94 -21.24 23.95
CA VAL A 155 -14.59 -21.42 23.41
C VAL A 155 -14.58 -21.94 21.98
N GLY A 156 -13.65 -21.41 21.17
CA GLY A 156 -13.53 -21.82 19.79
C GLY A 156 -14.51 -21.17 18.84
N ASP A 157 -15.70 -20.81 19.35
CA ASP A 157 -16.74 -20.19 18.51
C ASP A 157 -16.36 -18.82 17.97
N LYS A 158 -16.75 -18.59 16.73
CA LYS A 158 -16.51 -17.34 16.09
C LYS A 158 -17.81 -16.54 16.27
N VAL A 159 -17.72 -15.36 16.85
CA VAL A 159 -18.91 -14.56 17.08
C VAL A 159 -19.67 -14.23 15.80
N PRO A 160 -20.97 -14.56 15.80
CA PRO A 160 -21.89 -14.37 14.69
C PRO A 160 -22.55 -12.98 14.55
N ALA A 161 -22.54 -12.17 15.61
CA ALA A 161 -23.15 -10.84 15.51
C ALA A 161 -22.66 -9.96 16.62
N ASP A 162 -23.04 -8.70 16.58
CA ASP A 162 -22.63 -7.84 17.66
C ASP A 162 -23.65 -8.14 18.78
N ILE A 163 -23.12 -8.73 19.84
CA ILE A 163 -23.88 -9.19 20.99
C ILE A 163 -23.56 -8.47 22.29
N ARG A 164 -24.61 -8.17 23.05
CA ARG A 164 -24.49 -7.54 24.37
C ARG A 164 -24.52 -8.76 25.29
N ILE A 165 -23.52 -8.95 26.15
CA ILE A 165 -23.54 -10.14 27.00
C ILE A 165 -24.52 -10.05 28.17
N LEU A 166 -25.36 -11.08 28.32
CA LEU A 166 -26.37 -11.15 29.41
C LEU A 166 -25.84 -11.76 30.72
N SER A 167 -25.27 -12.97 30.64
CA SER A 167 -24.71 -13.63 31.82
C SER A 167 -23.63 -14.63 31.40
N ILE A 168 -22.48 -14.55 32.06
CA ILE A 168 -21.35 -15.42 31.78
C ILE A 168 -21.48 -16.71 32.61
N LYS A 169 -21.68 -17.81 31.90
CA LYS A 169 -21.84 -19.14 32.50
C LYS A 169 -20.53 -19.69 33.07
N SER A 170 -19.43 -19.49 32.37
CA SER A 170 -18.15 -19.96 32.87
C SER A 170 -17.68 -19.04 34.00
N THR A 171 -16.44 -19.18 34.42
CA THR A 171 -15.93 -18.34 35.50
C THR A 171 -15.25 -17.10 34.89
N THR A 172 -14.94 -17.19 33.60
CA THR A 172 -14.26 -16.09 32.94
C THR A 172 -14.51 -16.17 31.44
N LEU A 173 -14.74 -15.03 30.80
CA LEU A 173 -14.92 -15.00 29.34
C LEU A 173 -13.76 -14.22 28.73
N ARG A 174 -13.01 -14.88 27.84
CA ARG A 174 -11.85 -14.30 27.16
C ARG A 174 -12.08 -14.26 25.68
N VAL A 175 -11.92 -13.08 25.08
CA VAL A 175 -12.13 -12.95 23.65
C VAL A 175 -10.92 -12.46 22.87
N ASP A 176 -10.78 -12.98 21.66
CA ASP A 176 -9.72 -12.58 20.77
C ASP A 176 -10.27 -11.60 19.74
N GLN A 177 -10.16 -10.32 20.07
CA GLN A 177 -10.63 -9.21 19.24
C GLN A 177 -9.49 -8.63 18.45
N SER A 178 -8.42 -9.41 18.30
CA SER A 178 -7.25 -8.91 17.58
C SER A 178 -7.66 -8.13 16.32
N ILE A 179 -8.35 -8.81 15.41
CA ILE A 179 -8.77 -8.19 14.16
C ILE A 179 -9.47 -6.83 14.33
N LEU A 180 -10.48 -6.74 15.18
CA LEU A 180 -11.15 -5.46 15.39
C LEU A 180 -10.23 -4.63 16.24
N THR A 181 -10.60 -4.37 17.48
CA THR A 181 -9.77 -3.57 18.40
C THR A 181 -8.25 -3.63 18.15
N GLY A 182 -7.67 -4.80 18.13
CA GLY A 182 -6.24 -4.88 17.90
C GLY A 182 -5.53 -5.75 18.92
N GLU A 183 -5.64 -5.41 20.21
CA GLU A 183 -5.01 -6.19 21.28
C GLU A 183 -4.98 -7.68 20.90
N SER A 184 -3.78 -8.22 20.70
CA SER A 184 -3.66 -9.63 20.30
C SER A 184 -3.94 -10.61 21.43
N VAL A 185 -3.69 -10.16 22.66
CA VAL A 185 -3.96 -11.00 23.83
C VAL A 185 -5.45 -11.04 24.10
N SER A 186 -5.94 -12.22 24.45
CA SER A 186 -7.35 -12.40 24.72
C SER A 186 -7.75 -11.39 25.77
N VAL A 187 -8.88 -10.73 25.58
CA VAL A 187 -9.32 -9.74 26.54
C VAL A 187 -10.56 -10.27 27.30
N ILE A 188 -10.73 -9.78 28.53
CA ILE A 188 -11.82 -10.17 29.42
C ILE A 188 -13.09 -9.33 29.31
N LYS A 189 -14.23 -10.02 29.27
CA LYS A 189 -15.55 -9.41 29.15
C LYS A 189 -16.34 -9.50 30.43
N HIS A 190 -17.25 -8.56 30.63
CA HIS A 190 -18.09 -8.55 31.82
C HIS A 190 -19.56 -8.37 31.43
N THR A 191 -20.42 -8.09 32.39
CA THR A 191 -21.85 -7.94 32.08
C THR A 191 -22.39 -6.54 32.38
N GLU A 192 -21.71 -5.83 33.26
CA GLU A 192 -22.13 -4.48 33.63
C GLU A 192 -22.02 -3.50 32.47
N PRO A 193 -22.99 -2.58 32.38
CA PRO A 193 -23.00 -1.58 31.31
C PRO A 193 -21.81 -0.58 31.33
N VAL A 194 -21.48 -0.08 30.15
CA VAL A 194 -20.42 0.91 29.97
C VAL A 194 -21.18 2.24 29.82
N PRO A 195 -21.05 3.15 30.79
CA PRO A 195 -21.70 4.46 30.80
C PRO A 195 -21.66 5.25 29.48
N ASP A 196 -20.46 5.69 29.11
CA ASP A 196 -20.21 6.48 27.90
C ASP A 196 -20.90 5.94 26.65
N PRO A 197 -21.80 6.73 26.05
CA PRO A 197 -22.52 6.29 24.85
C PRO A 197 -21.60 6.26 23.63
N ARG A 198 -20.56 7.08 23.70
CA ARG A 198 -19.59 7.22 22.61
C ARG A 198 -18.27 6.51 22.88
N ALA A 199 -18.35 5.33 23.48
CA ALA A 199 -17.19 4.52 23.83
C ALA A 199 -16.60 3.81 22.63
N VAL A 200 -15.28 3.69 22.61
CA VAL A 200 -14.64 3.01 21.52
C VAL A 200 -14.69 1.51 21.78
N ASN A 201 -14.82 0.73 20.72
CA ASN A 201 -14.91 -0.72 20.87
C ASN A 201 -14.01 -1.31 21.94
N GLN A 202 -12.77 -0.85 21.98
CA GLN A 202 -11.82 -1.37 22.96
C GLN A 202 -12.35 -1.32 24.39
N ASP A 203 -13.27 -0.39 24.64
CA ASP A 203 -13.79 -0.26 25.98
C ASP A 203 -15.17 -0.80 26.20
N LYS A 204 -15.76 -1.40 25.16
CA LYS A 204 -17.06 -2.01 25.32
C LYS A 204 -16.76 -3.41 25.87
N LYS A 205 -16.48 -3.44 27.17
CA LYS A 205 -16.13 -4.64 27.91
C LYS A 205 -17.27 -5.65 27.99
N ASN A 206 -18.49 -5.19 27.72
CA ASN A 206 -19.68 -6.04 27.78
C ASN A 206 -20.25 -6.43 26.42
N MET A 207 -19.43 -6.31 25.36
CA MET A 207 -19.86 -6.63 23.99
C MET A 207 -19.01 -7.68 23.31
N LEU A 208 -19.63 -8.40 22.40
CA LEU A 208 -18.96 -9.41 21.63
C LEU A 208 -19.11 -8.91 20.20
N PHE A 209 -18.00 -8.77 19.50
CA PHE A 209 -18.02 -8.30 18.15
C PHE A 209 -18.08 -9.40 17.13
N SER A 210 -19.06 -9.30 16.26
CA SER A 210 -19.22 -10.28 15.22
C SER A 210 -17.89 -10.43 14.52
N GLY A 211 -17.42 -11.66 14.35
CA GLY A 211 -16.16 -11.89 13.65
C GLY A 211 -15.02 -12.21 14.58
N THR A 212 -15.17 -11.93 15.86
CA THR A 212 -14.11 -12.22 16.81
C THR A 212 -14.28 -13.63 17.36
N ASN A 213 -13.33 -14.07 18.18
CA ASN A 213 -13.35 -15.44 18.72
C ASN A 213 -13.32 -15.53 20.22
N ILE A 214 -13.98 -16.56 20.73
CA ILE A 214 -14.00 -16.78 22.15
C ILE A 214 -12.80 -17.63 22.50
N ALA A 215 -11.81 -16.97 23.09
CA ALA A 215 -10.57 -17.63 23.48
C ALA A 215 -10.80 -18.53 24.67
N ALA A 216 -11.70 -18.12 25.56
CA ALA A 216 -11.98 -18.91 26.74
C ALA A 216 -13.31 -18.63 27.44
N GLY A 217 -14.13 -19.67 27.56
CA GLY A 217 -15.39 -19.54 28.26
C GLY A 217 -16.67 -19.90 27.54
N LYS A 218 -17.75 -19.47 28.17
CA LYS A 218 -19.10 -19.67 27.65
C LYS A 218 -19.99 -18.58 28.23
N ALA A 219 -20.81 -18.02 27.36
CA ALA A 219 -21.71 -16.95 27.74
C ALA A 219 -23.01 -16.93 26.99
N LEU A 220 -23.92 -16.19 27.57
CA LEU A 220 -25.23 -16.03 27.01
C LEU A 220 -25.40 -14.55 26.78
N GLY A 221 -25.96 -14.20 25.62
CA GLY A 221 -26.19 -12.80 25.33
C GLY A 221 -27.27 -12.55 24.33
N ILE A 222 -27.65 -11.27 24.25
CA ILE A 222 -28.68 -10.78 23.36
C ILE A 222 -28.04 -10.04 22.17
N VAL A 223 -28.49 -10.35 20.96
CA VAL A 223 -27.96 -9.72 19.73
C VAL A 223 -28.36 -8.26 19.57
N ALA A 224 -27.37 -7.36 19.65
CA ALA A 224 -27.60 -5.90 19.52
C ALA A 224 -27.85 -5.44 18.10
N THR A 225 -26.93 -5.77 17.20
CA THR A 225 -27.01 -5.39 15.79
C THR A 225 -26.66 -6.58 14.93
N THR A 226 -27.07 -6.54 13.69
CA THR A 226 -26.81 -7.64 12.80
C THR A 226 -26.33 -7.14 11.43
N GLY A 227 -25.88 -8.04 10.57
CA GLY A 227 -25.38 -7.67 9.24
C GLY A 227 -24.49 -6.43 9.12
N VAL A 228 -24.93 -5.49 8.29
CA VAL A 228 -24.24 -4.26 8.01
C VAL A 228 -24.18 -3.25 9.16
N SER A 229 -24.93 -3.49 10.23
CA SER A 229 -24.94 -2.54 11.34
C SER A 229 -23.95 -2.91 12.43
N THR A 230 -23.17 -3.95 12.19
CA THR A 230 -22.20 -4.41 13.17
C THR A 230 -20.88 -3.68 13.01
N GLU A 231 -20.04 -3.68 14.03
CA GLU A 231 -18.76 -2.98 13.92
C GLU A 231 -18.06 -3.33 12.63
N ILE A 232 -18.04 -4.61 12.29
CA ILE A 232 -17.39 -5.04 11.06
C ILE A 232 -18.23 -4.67 9.83
N GLY A 233 -19.54 -4.61 9.98
CA GLY A 233 -20.37 -4.25 8.85
C GLY A 233 -20.19 -2.77 8.59
N LYS A 234 -20.08 -2.00 9.66
CA LYS A 234 -19.88 -0.58 9.48
C LYS A 234 -18.58 -0.40 8.68
N ILE A 235 -17.61 -1.28 8.88
CA ILE A 235 -16.34 -1.19 8.17
C ILE A 235 -16.52 -1.56 6.72
N ARG A 236 -17.38 -2.53 6.44
CA ARG A 236 -17.59 -2.91 5.05
C ARG A 236 -18.20 -1.76 4.30
N ASP A 237 -19.13 -1.05 4.95
CA ASP A 237 -19.77 0.07 4.29
C ASP A 237 -18.80 1.16 3.91
N GLN A 238 -17.84 1.45 4.80
CA GLN A 238 -16.87 2.51 4.52
C GLN A 238 -16.01 2.16 3.33
N MET A 239 -15.58 0.91 3.26
CA MET A 239 -14.76 0.44 2.14
C MET A 239 -15.55 0.44 0.81
N ALA A 240 -16.84 0.17 0.89
CA ALA A 240 -17.70 0.15 -0.31
C ALA A 240 -17.87 1.56 -0.82
N ALA A 241 -17.92 2.52 0.10
CA ALA A 241 -18.08 3.91 -0.26
C ALA A 241 -16.77 4.53 -0.72
N THR A 242 -15.67 3.78 -0.60
CA THR A 242 -14.40 4.34 -1.01
C THR A 242 -14.20 4.19 -2.52
N GLU A 243 -13.82 5.29 -3.15
CA GLU A 243 -13.61 5.32 -4.60
C GLU A 243 -12.19 5.75 -4.93
N GLN A 244 -11.41 4.85 -5.51
CA GLN A 244 -10.02 5.19 -5.86
C GLN A 244 -9.85 5.83 -7.24
N ASP A 245 -9.13 6.94 -7.27
CA ASP A 245 -8.87 7.67 -8.49
C ASP A 245 -7.97 6.85 -9.41
N LYS A 246 -7.78 7.34 -10.62
CA LYS A 246 -6.92 6.64 -11.56
C LYS A 246 -5.50 7.17 -11.38
N THR A 247 -4.54 6.26 -11.43
CA THR A 247 -3.14 6.61 -11.31
C THR A 247 -2.97 7.78 -12.28
N PRO A 248 -2.12 8.75 -11.91
CA PRO A 248 -1.88 9.93 -12.75
C PRO A 248 -1.55 9.52 -14.21
N LEU A 249 -0.83 8.42 -14.36
CA LEU A 249 -0.49 7.93 -15.68
C LEU A 249 -1.74 7.44 -16.42
N GLN A 250 -2.66 6.81 -15.69
CA GLN A 250 -3.90 6.29 -16.28
C GLN A 250 -4.77 7.45 -16.73
N GLN A 251 -4.67 8.57 -16.02
CA GLN A 251 -5.44 9.75 -16.38
C GLN A 251 -4.83 10.30 -17.65
N LYS A 252 -3.50 10.43 -17.64
CA LYS A 252 -2.79 10.94 -18.80
C LYS A 252 -3.12 10.12 -20.04
N LEU A 253 -3.33 8.83 -19.87
CA LEU A 253 -3.68 7.96 -20.99
C LEU A 253 -5.02 8.32 -21.58
N ASP A 254 -5.99 8.61 -20.73
CA ASP A 254 -7.31 8.96 -21.22
C ASP A 254 -7.25 10.28 -21.91
N GLU A 255 -6.55 11.23 -21.29
CA GLU A 255 -6.42 12.55 -21.87
C GLU A 255 -5.73 12.47 -23.24
N PHE A 256 -4.72 11.61 -23.34
CA PHE A 256 -3.99 11.42 -24.58
C PHE A 256 -4.89 10.80 -25.65
N GLY A 257 -5.80 9.94 -25.23
CA GLY A 257 -6.70 9.31 -26.18
C GLY A 257 -7.70 10.33 -26.73
N GLU A 258 -8.19 11.19 -25.84
CA GLU A 258 -9.16 12.22 -26.19
C GLU A 258 -8.57 13.14 -27.24
N GLN A 259 -7.27 13.38 -27.13
CA GLN A 259 -6.59 14.25 -28.07
C GLN A 259 -6.32 13.55 -29.39
N LEU A 260 -5.66 12.41 -29.31
CA LEU A 260 -5.31 11.65 -30.49
C LEU A 260 -6.58 11.48 -31.30
N SER A 261 -7.70 11.33 -30.61
CA SER A 261 -8.98 11.18 -31.28
C SER A 261 -9.26 12.43 -32.13
N LYS A 262 -9.11 13.61 -31.54
CA LYS A 262 -9.35 14.88 -32.23
C LYS A 262 -8.40 15.16 -33.40
N VAL A 263 -7.10 15.06 -33.14
CA VAL A 263 -6.09 15.32 -34.15
C VAL A 263 -6.33 14.49 -35.41
N ILE A 264 -6.50 13.20 -35.21
CA ILE A 264 -6.75 12.30 -36.31
C ILE A 264 -7.81 12.87 -37.24
N SER A 265 -9.04 13.02 -36.75
CA SER A 265 -10.12 13.54 -37.58
C SER A 265 -9.77 14.91 -38.20
N LEU A 266 -9.07 15.75 -37.45
CA LEU A 266 -8.68 17.06 -37.96
C LEU A 266 -7.78 16.87 -39.19
N ILE A 267 -6.92 15.84 -39.13
CA ILE A 267 -6.02 15.52 -40.25
C ILE A 267 -6.86 15.14 -41.45
N CYS A 268 -7.92 14.36 -41.20
CA CYS A 268 -8.80 13.95 -42.27
C CYS A 268 -9.39 15.19 -42.91
N VAL A 269 -9.91 16.09 -42.09
CA VAL A 269 -10.46 17.32 -42.62
C VAL A 269 -9.40 18.01 -43.47
N ALA A 270 -8.23 18.23 -42.88
CA ALA A 270 -7.15 18.89 -43.59
C ALA A 270 -6.87 18.17 -44.90
N VAL A 271 -6.64 16.87 -44.82
CA VAL A 271 -6.35 16.05 -46.00
C VAL A 271 -7.41 16.18 -47.07
N TRP A 272 -8.66 16.20 -46.63
CA TRP A 272 -9.77 16.33 -47.54
C TRP A 272 -9.69 17.68 -48.27
N LEU A 273 -9.30 18.73 -47.54
CA LEU A 273 -9.16 20.07 -48.11
C LEU A 273 -8.01 20.12 -49.09
N ILE A 274 -6.87 19.52 -48.71
CA ILE A 274 -5.68 19.50 -49.56
C ILE A 274 -6.02 18.96 -50.94
N ASN A 275 -6.94 18.00 -50.99
CA ASN A 275 -7.34 17.40 -52.26
C ASN A 275 -8.78 17.82 -52.53
N ILE A 276 -9.02 19.13 -52.45
CA ILE A 276 -10.34 19.69 -52.70
C ILE A 276 -10.53 19.91 -54.20
N GLY A 277 -9.45 19.92 -54.94
CA GLY A 277 -9.54 20.12 -56.38
C GLY A 277 -10.38 19.06 -57.04
N HIS A 278 -10.41 17.87 -56.45
CA HIS A 278 -11.19 16.79 -57.01
C HIS A 278 -12.61 17.22 -57.32
N PHE A 279 -13.06 18.32 -56.70
CA PHE A 279 -14.41 18.82 -56.91
C PHE A 279 -14.50 19.71 -58.16
N ASN A 280 -13.35 19.96 -58.79
CA ASN A 280 -13.31 20.76 -60.01
C ASN A 280 -12.74 19.91 -61.14
N ASP A 281 -13.08 18.62 -61.16
CA ASP A 281 -12.56 17.69 -62.17
C ASP A 281 -13.71 17.11 -63.00
N PRO A 282 -13.40 16.30 -64.04
CA PRO A 282 -14.51 15.75 -64.85
C PRO A 282 -15.72 15.29 -64.07
N VAL A 283 -16.89 15.45 -64.69
CA VAL A 283 -18.15 15.03 -64.11
C VAL A 283 -18.31 13.52 -64.35
N HIS A 284 -17.44 12.95 -65.16
CA HIS A 284 -17.48 11.51 -65.47
C HIS A 284 -16.07 10.88 -65.43
N GLY A 285 -16.04 9.56 -65.50
CA GLY A 285 -14.79 8.83 -65.48
C GLY A 285 -14.04 8.86 -64.17
N GLY A 286 -12.73 8.59 -64.24
CA GLY A 286 -11.90 8.55 -63.05
C GLY A 286 -12.05 7.22 -62.35
N SER A 287 -12.68 7.25 -61.19
CA SER A 287 -12.94 6.05 -60.40
C SER A 287 -13.24 6.37 -58.95
N TRP A 288 -14.50 6.68 -58.69
CA TRP A 288 -14.95 7.01 -57.35
C TRP A 288 -14.80 5.81 -56.44
N ILE A 289 -14.60 4.65 -57.06
CA ILE A 289 -14.45 3.44 -56.28
C ILE A 289 -13.00 3.20 -55.88
N ARG A 290 -12.06 3.62 -56.73
CA ARG A 290 -10.65 3.45 -56.45
C ARG A 290 -10.12 4.55 -55.55
N GLY A 291 -10.54 5.78 -55.82
CA GLY A 291 -10.08 6.89 -54.98
C GLY A 291 -10.55 6.68 -53.54
N ALA A 292 -11.75 6.14 -53.40
CA ALA A 292 -12.32 5.86 -52.09
C ALA A 292 -11.42 4.87 -51.39
N ILE A 293 -11.30 3.67 -51.97
CA ILE A 293 -10.47 2.62 -51.39
C ILE A 293 -9.19 3.22 -50.86
N TYR A 294 -8.65 4.17 -51.63
CA TYR A 294 -7.42 4.85 -51.25
C TYR A 294 -7.58 5.59 -49.93
N TYR A 295 -8.48 6.56 -49.89
CA TYR A 295 -8.70 7.31 -48.66
C TYR A 295 -9.04 6.41 -47.46
N PHE A 296 -9.62 5.23 -47.70
CA PHE A 296 -9.93 4.36 -46.57
C PHE A 296 -8.66 3.65 -46.11
N LYS A 297 -7.85 3.18 -47.05
CA LYS A 297 -6.59 2.49 -46.71
C LYS A 297 -5.68 3.45 -45.99
N ILE A 298 -5.87 4.75 -46.22
CA ILE A 298 -5.07 5.75 -45.54
C ILE A 298 -5.58 5.84 -44.11
N ALA A 299 -6.90 5.82 -43.97
CA ALA A 299 -7.52 5.88 -42.65
C ALA A 299 -6.91 4.81 -41.76
N VAL A 300 -7.08 3.54 -42.14
CA VAL A 300 -6.53 2.44 -41.35
C VAL A 300 -5.05 2.60 -41.02
N ALA A 301 -4.25 3.01 -42.00
CA ALA A 301 -2.81 3.20 -41.78
C ALA A 301 -2.63 4.33 -40.76
N LEU A 302 -3.29 5.46 -40.99
CA LEU A 302 -3.21 6.59 -40.07
C LEU A 302 -3.43 6.16 -38.63
N ALA A 303 -4.48 5.38 -38.42
CA ALA A 303 -4.84 4.85 -37.10
C ALA A 303 -3.74 3.98 -36.51
N VAL A 304 -3.28 3.00 -37.28
CA VAL A 304 -2.22 2.10 -36.80
C VAL A 304 -0.96 2.91 -36.47
N ALA A 305 -0.72 3.95 -37.26
CA ALA A 305 0.43 4.83 -37.13
C ALA A 305 0.33 5.78 -35.93
N ALA A 306 -0.88 6.08 -35.48
CA ALA A 306 -1.05 7.00 -34.37
C ALA A 306 -1.07 6.41 -32.97
N ILE A 307 -1.23 5.10 -32.88
CA ILE A 307 -1.29 4.42 -31.58
C ILE A 307 -0.06 3.61 -31.28
N PRO A 308 0.40 3.68 -30.03
CA PRO A 308 1.59 2.95 -29.61
C PRO A 308 1.15 1.53 -29.28
N GLU A 309 1.00 0.67 -30.27
CA GLU A 309 0.56 -0.68 -29.98
C GLU A 309 1.49 -1.54 -29.13
N GLY A 310 2.77 -1.19 -29.03
CA GLY A 310 3.65 -2.00 -28.20
C GLY A 310 3.76 -1.52 -26.76
N LEU A 311 3.32 -0.30 -26.50
CA LEU A 311 3.42 0.26 -25.17
C LEU A 311 2.87 -0.64 -24.04
N PRO A 312 1.63 -1.11 -24.17
CA PRO A 312 1.04 -1.96 -23.14
C PRO A 312 1.98 -3.07 -22.69
N ALA A 313 2.59 -3.73 -23.67
CA ALA A 313 3.50 -4.82 -23.38
C ALA A 313 4.77 -4.33 -22.70
N VAL A 314 5.32 -3.23 -23.21
CA VAL A 314 6.56 -2.67 -22.65
C VAL A 314 6.36 -2.19 -21.22
N ILE A 315 5.28 -1.47 -20.99
CA ILE A 315 4.97 -0.96 -19.66
C ILE A 315 4.77 -2.08 -18.66
N THR A 316 3.95 -3.06 -18.97
CA THR A 316 3.76 -4.12 -18.01
C THR A 316 5.04 -4.92 -17.81
N THR A 317 5.76 -5.28 -18.87
CA THR A 317 6.98 -6.05 -18.64
C THR A 317 7.97 -5.25 -17.77
N CYS A 318 7.94 -3.92 -17.87
CA CYS A 318 8.83 -3.11 -17.06
C CYS A 318 8.42 -3.18 -15.58
N LEU A 319 7.13 -2.99 -15.33
CA LEU A 319 6.58 -3.05 -13.98
C LEU A 319 6.74 -4.44 -13.39
N ALA A 320 6.43 -5.47 -14.17
CA ALA A 320 6.58 -6.83 -13.65
C ALA A 320 8.01 -7.02 -13.12
N LEU A 321 8.98 -6.50 -13.87
CA LEU A 321 10.37 -6.61 -13.47
C LEU A 321 10.62 -5.86 -12.17
N GLY A 322 10.19 -4.61 -12.11
CA GLY A 322 10.38 -3.85 -10.88
C GLY A 322 9.77 -4.61 -9.70
N THR A 323 8.51 -5.00 -9.84
CA THR A 323 7.80 -5.76 -8.84
C THR A 323 8.71 -6.80 -8.21
N ARG A 324 9.21 -7.71 -9.05
CA ARG A 324 10.09 -8.79 -8.59
C ARG A 324 11.29 -8.19 -7.86
N ARG A 325 11.79 -7.08 -8.41
CA ARG A 325 12.95 -6.37 -7.88
C ARG A 325 12.68 -5.82 -6.48
N MET A 326 11.46 -5.36 -6.24
CA MET A 326 11.09 -4.83 -4.94
C MET A 326 10.86 -5.95 -3.94
N ALA A 327 10.30 -7.04 -4.41
CA ALA A 327 10.08 -8.17 -3.52
C ALA A 327 11.43 -8.58 -2.94
N LYS A 328 12.48 -8.58 -3.76
CA LYS A 328 13.78 -8.94 -3.21
C LYS A 328 14.15 -8.02 -2.04
N LYS A 329 13.53 -6.85 -2.00
CA LYS A 329 13.78 -5.88 -0.93
C LYS A 329 12.61 -5.81 0.06
N ASN A 330 11.87 -6.91 0.18
CA ASN A 330 10.76 -6.99 1.12
C ASN A 330 9.59 -6.03 0.90
N ALA A 331 9.25 -5.75 -0.34
CA ALA A 331 8.13 -4.86 -0.64
C ALA A 331 7.30 -5.59 -1.69
N ILE A 332 6.22 -6.21 -1.24
CA ILE A 332 5.35 -6.95 -2.15
C ILE A 332 4.30 -6.00 -2.71
N VAL A 333 4.43 -5.68 -3.98
CA VAL A 333 3.50 -4.77 -4.64
C VAL A 333 2.46 -5.49 -5.47
N ARG A 334 1.23 -5.44 -5.00
CA ARG A 334 0.09 -6.02 -5.70
C ARG A 334 -0.48 -4.78 -6.39
N SER A 335 -0.75 -4.89 -7.69
CA SER A 335 -1.27 -3.75 -8.46
C SER A 335 -0.07 -3.01 -9.04
N LEU A 336 0.28 -3.39 -10.28
CA LEU A 336 1.41 -2.79 -10.95
C LEU A 336 1.24 -1.30 -11.16
N PRO A 337 0.03 -0.84 -11.52
CA PRO A 337 -0.14 0.59 -11.73
C PRO A 337 0.20 1.42 -10.49
N SER A 338 0.40 0.74 -9.36
CA SER A 338 0.72 1.44 -8.12
C SER A 338 2.15 1.84 -7.99
N VAL A 339 3.05 1.09 -8.64
CA VAL A 339 4.44 1.42 -8.56
C VAL A 339 4.58 2.92 -8.80
N GLU A 340 3.82 3.43 -9.76
CA GLU A 340 3.87 4.85 -10.05
C GLU A 340 3.42 5.74 -8.90
N THR A 341 2.17 5.59 -8.48
CA THR A 341 1.63 6.41 -7.39
C THR A 341 2.59 6.38 -6.21
N LEU A 342 3.14 5.19 -5.98
CA LEU A 342 4.09 5.00 -4.89
C LEU A 342 5.19 6.04 -4.99
N GLY A 343 5.86 6.06 -6.14
CA GLY A 343 6.94 7.00 -6.35
C GLY A 343 6.63 8.46 -6.08
N CYS A 344 5.36 8.86 -6.21
CA CYS A 344 5.01 10.25 -5.96
C CYS A 344 4.52 10.55 -4.55
N THR A 345 4.65 9.60 -3.62
CA THR A 345 4.16 9.85 -2.26
C THR A 345 4.85 11.05 -1.68
N SER A 346 4.06 11.95 -1.09
CA SER A 346 4.61 13.14 -0.48
C SER A 346 4.53 12.99 1.04
N VAL A 347 3.54 12.24 1.53
CA VAL A 347 3.42 12.01 2.98
C VAL A 347 3.30 10.53 3.36
N ILE A 348 3.97 10.13 4.43
CA ILE A 348 3.91 8.73 4.92
C ILE A 348 3.48 8.67 6.38
N CYS A 349 2.33 8.06 6.65
CA CYS A 349 1.84 7.90 8.02
C CYS A 349 2.22 6.51 8.42
N SER A 350 3.05 6.40 9.44
CA SER A 350 3.48 5.09 9.89
C SER A 350 3.09 4.76 11.33
N ASP A 351 2.71 3.52 11.57
CA ASP A 351 2.39 3.07 12.91
C ASP A 351 3.78 2.99 13.52
N LYS A 352 3.91 3.25 14.82
CA LYS A 352 5.22 3.15 15.41
C LYS A 352 5.61 1.73 15.83
N THR A 353 4.99 1.27 16.91
CA THR A 353 5.34 -0.02 17.51
C THR A 353 5.96 -1.08 16.63
N GLY A 354 5.22 -1.76 15.77
CA GLY A 354 5.94 -2.77 15.00
C GLY A 354 6.84 -2.37 13.83
N THR A 355 6.65 -1.17 13.27
CA THR A 355 7.41 -0.79 12.08
C THR A 355 8.50 0.29 12.25
N LEU A 356 8.31 1.21 13.19
CA LEU A 356 9.34 2.23 13.41
C LEU A 356 10.28 1.69 14.49
N THR A 357 9.70 0.94 15.43
CA THR A 357 10.48 0.31 16.50
C THR A 357 10.50 -1.20 16.30
N THR A 358 11.25 -1.91 17.13
CA THR A 358 11.36 -3.35 16.96
C THR A 358 10.27 -4.09 17.71
N ASN A 359 9.69 -3.42 18.69
CA ASN A 359 8.63 -4.03 19.47
C ASN A 359 9.21 -5.12 20.37
N GLN A 360 10.48 -4.97 20.72
CA GLN A 360 11.11 -5.92 21.60
C GLN A 360 11.52 -5.13 22.84
N MET A 361 10.65 -5.17 23.84
CA MET A 361 10.85 -4.45 25.08
C MET A 361 11.97 -5.00 25.98
N SER A 362 12.42 -4.16 26.89
CA SER A 362 13.46 -4.52 27.86
C SER A 362 13.59 -3.36 28.83
N VAL A 363 13.74 -3.67 30.11
CA VAL A 363 13.89 -2.62 31.13
C VAL A 363 15.33 -2.14 31.23
N CYS A 364 15.49 -0.83 31.20
CA CYS A 364 16.81 -0.21 31.27
C CYS A 364 17.13 0.44 32.60
N LYS A 365 16.11 0.95 33.26
CA LYS A 365 16.28 1.58 34.56
C LYS A 365 15.17 1.17 35.55
N MET A 366 15.54 1.14 36.84
CA MET A 366 14.63 0.81 37.93
C MET A 366 14.96 1.88 38.91
N PHE A 367 14.17 1.97 39.95
CA PHE A 367 14.41 2.93 40.98
C PHE A 367 13.42 2.73 42.11
N ILE A 368 13.96 2.59 43.31
CA ILE A 368 13.18 2.40 44.50
C ILE A 368 13.52 3.56 45.40
N ILE A 369 12.82 3.68 46.51
CA ILE A 369 13.09 4.75 47.44
C ILE A 369 14.11 4.27 48.46
N ASP A 370 15.19 5.05 48.58
CA ASP A 370 16.29 4.76 49.49
C ASP A 370 16.12 5.36 50.89
N LYS A 371 15.66 6.60 50.97
CA LYS A 371 15.50 7.23 52.26
C LYS A 371 14.65 8.48 52.21
N VAL A 372 13.73 8.60 53.16
CA VAL A 372 12.87 9.78 53.26
C VAL A 372 13.06 10.24 54.68
N ASP A 373 13.17 11.55 54.85
CA ASP A 373 13.39 12.15 56.15
C ASP A 373 13.17 13.65 56.02
N GLY A 374 12.12 14.15 56.67
CA GLY A 374 11.80 15.57 56.58
C GLY A 374 11.60 15.89 55.11
N ASP A 375 12.26 16.93 54.63
CA ASP A 375 12.10 17.26 53.24
C ASP A 375 13.23 16.65 52.41
N PHE A 376 14.10 15.93 53.10
CA PHE A 376 15.22 15.26 52.44
C PHE A 376 14.67 13.99 51.84
N CYS A 377 15.29 13.55 50.77
CA CYS A 377 14.81 12.36 50.10
C CYS A 377 15.91 11.82 49.19
N SER A 378 15.97 10.51 49.04
CA SER A 378 16.99 9.94 48.17
C SER A 378 16.50 8.65 47.51
N LEU A 379 16.66 8.59 46.19
CA LEU A 379 16.24 7.43 45.42
C LEU A 379 17.39 6.48 45.22
N ASN A 380 17.09 5.36 44.58
CA ASN A 380 18.06 4.33 44.33
C ASN A 380 17.91 3.85 42.89
N GLU A 381 18.17 4.74 41.95
CA GLU A 381 18.05 4.37 40.54
C GLU A 381 19.03 3.28 40.20
N PHE A 382 18.71 2.52 39.17
CA PHE A 382 19.57 1.46 38.70
C PHE A 382 19.57 1.51 37.17
N SER A 383 20.30 0.57 36.58
CA SER A 383 20.36 0.46 35.13
C SER A 383 20.48 -1.05 34.96
N ILE A 384 20.02 -1.57 33.83
CA ILE A 384 20.06 -3.01 33.60
C ILE A 384 20.56 -3.27 32.19
N THR A 385 21.20 -4.41 31.97
CA THR A 385 21.71 -4.71 30.64
C THR A 385 21.03 -5.91 30.01
N GLY A 386 21.08 -5.97 28.67
CA GLY A 386 20.44 -7.02 27.91
C GLY A 386 19.25 -6.40 27.19
N SER A 387 19.22 -6.46 25.87
CA SER A 387 18.11 -5.88 25.13
C SER A 387 17.18 -7.01 24.67
N THR A 388 17.64 -8.24 24.84
CA THR A 388 16.85 -9.39 24.44
C THR A 388 15.99 -9.84 25.61
N TYR A 389 14.96 -10.61 25.30
CA TYR A 389 14.09 -11.13 26.34
C TYR A 389 14.90 -12.23 27.04
N ALA A 390 16.11 -12.46 26.54
CA ALA A 390 17.01 -13.46 27.09
C ALA A 390 17.40 -13.08 28.53
N PRO A 391 17.34 -14.06 29.47
CA PRO A 391 17.68 -13.85 30.89
C PRO A 391 19.19 -13.72 31.09
N GLU A 392 19.80 -12.74 30.45
CA GLU A 392 21.25 -12.56 30.59
C GLU A 392 21.60 -11.08 30.66
N GLY A 393 22.01 -10.65 31.85
CA GLY A 393 22.37 -9.27 32.03
C GLY A 393 22.73 -8.99 33.47
N GLU A 394 23.03 -7.73 33.76
CA GLU A 394 23.41 -7.37 35.12
C GLU A 394 22.74 -6.07 35.51
N VAL A 395 22.53 -5.87 36.80
CA VAL A 395 21.94 -4.65 37.29
C VAL A 395 23.12 -3.85 37.80
N LEU A 396 23.05 -2.53 37.68
CA LEU A 396 24.16 -1.69 38.08
C LEU A 396 23.73 -0.36 38.69
N LYS A 397 24.43 0.06 39.74
CA LYS A 397 24.18 1.35 40.37
C LYS A 397 25.44 2.12 39.94
N ASN A 398 25.28 3.20 39.19
CA ASN A 398 26.44 3.98 38.69
C ASN A 398 27.39 3.03 37.94
N ASP A 399 26.83 2.33 36.94
CA ASP A 399 27.53 1.37 36.08
C ASP A 399 28.20 0.21 36.81
N LYS A 400 28.20 0.26 38.13
CA LYS A 400 28.83 -0.78 38.93
C LYS A 400 27.86 -1.88 39.26
N PRO A 401 28.16 -3.13 38.82
CA PRO A 401 27.28 -4.27 39.08
C PRO A 401 26.84 -4.36 40.55
N ILE A 402 25.72 -5.06 40.77
CA ILE A 402 25.15 -5.23 42.10
C ILE A 402 24.37 -6.53 42.22
N ARG A 403 24.21 -6.99 43.45
CA ARG A 403 23.43 -8.18 43.74
C ARG A 403 22.14 -7.58 44.32
N SER A 404 21.05 -7.69 43.56
CA SER A 404 19.75 -7.15 43.94
C SER A 404 19.28 -7.51 45.34
N GLY A 405 19.66 -8.70 45.80
CA GLY A 405 19.26 -9.15 47.13
C GLY A 405 19.59 -8.17 48.24
N GLN A 406 20.78 -7.57 48.21
CA GLN A 406 21.20 -6.62 49.24
C GLN A 406 20.19 -5.49 49.44
N PHE A 407 19.15 -5.47 48.61
CA PHE A 407 18.13 -4.43 48.71
C PHE A 407 16.78 -5.08 48.86
N ASP A 408 16.02 -4.65 49.85
CA ASP A 408 14.71 -5.23 50.05
C ASP A 408 13.72 -4.53 49.11
N GLY A 409 13.97 -3.25 48.84
CA GLY A 409 13.10 -2.53 47.94
C GLY A 409 13.06 -3.21 46.59
N LEU A 410 14.16 -3.87 46.22
CA LEU A 410 14.23 -4.57 44.94
C LEU A 410 13.65 -5.96 45.06
N VAL A 411 13.67 -6.51 46.27
CA VAL A 411 13.10 -7.84 46.48
C VAL A 411 11.61 -7.76 46.13
N GLU A 412 10.99 -6.67 46.53
CA GLU A 412 9.57 -6.49 46.29
C GLU A 412 9.27 -6.03 44.86
N LEU A 413 10.08 -5.10 44.34
CA LEU A 413 9.85 -4.62 43.00
C LEU A 413 9.77 -5.85 42.13
N ALA A 414 10.70 -6.77 42.34
CA ALA A 414 10.73 -8.00 41.56
C ALA A 414 9.51 -8.88 41.77
N THR A 415 9.12 -9.08 43.02
CA THR A 415 7.97 -9.91 43.29
C THR A 415 6.74 -9.34 42.60
N ILE A 416 6.53 -8.03 42.69
CA ILE A 416 5.40 -7.40 42.00
C ILE A 416 5.49 -7.66 40.50
N CYS A 417 6.67 -7.50 39.94
CA CYS A 417 6.87 -7.74 38.51
C CYS A 417 6.57 -9.18 38.11
N ALA A 418 6.77 -10.12 39.00
CA ALA A 418 6.54 -11.52 38.65
C ALA A 418 5.11 -12.01 38.90
N LEU A 419 4.44 -11.46 39.91
CA LEU A 419 3.07 -11.85 40.26
C LEU A 419 1.97 -11.09 39.49
N CYS A 420 2.11 -9.78 39.41
CA CYS A 420 1.14 -8.97 38.68
C CYS A 420 1.70 -9.04 37.25
N ASN A 421 1.42 -10.14 36.56
CA ASN A 421 1.98 -10.35 35.23
C ASN A 421 1.32 -11.56 34.57
N ASP A 422 0.59 -11.36 33.48
CA ASP A 422 -0.08 -12.48 32.79
C ASP A 422 0.80 -13.14 31.74
N SER A 423 1.96 -12.56 31.47
CA SER A 423 2.84 -13.10 30.45
C SER A 423 4.01 -13.92 30.97
N SER A 424 4.80 -14.45 30.04
CA SER A 424 5.95 -15.26 30.44
C SER A 424 6.95 -15.48 29.31
N LEU A 425 7.96 -16.30 29.60
CA LEU A 425 9.02 -16.61 28.64
C LEU A 425 9.08 -18.09 28.26
N ASP A 426 9.83 -18.37 27.20
CA ASP A 426 10.00 -19.74 26.71
C ASP A 426 11.21 -19.83 25.77
N PHE A 427 11.97 -20.91 25.91
CA PHE A 427 13.12 -21.12 25.05
C PHE A 427 12.75 -22.23 24.07
N ASN A 428 13.19 -22.09 22.82
CA ASN A 428 12.92 -23.10 21.80
C ASN A 428 14.25 -23.63 21.23
N GLU A 429 14.25 -24.87 20.78
CA GLU A 429 15.46 -25.47 20.20
C GLU A 429 15.54 -25.14 18.71
N THR A 430 14.37 -24.97 18.10
CA THR A 430 14.29 -24.67 16.67
C THR A 430 15.26 -23.57 16.28
N LYS A 431 15.19 -22.44 16.98
CA LYS A 431 16.06 -21.31 16.68
C LYS A 431 16.99 -20.92 17.84
N GLY A 432 16.95 -21.68 18.93
CA GLY A 432 17.79 -21.41 20.08
C GLY A 432 17.67 -20.01 20.68
N VAL A 433 16.50 -19.38 20.48
CA VAL A 433 16.26 -18.04 20.97
C VAL A 433 15.22 -18.06 22.08
N TYR A 434 15.22 -17.02 22.92
CA TYR A 434 14.22 -16.91 23.98
C TYR A 434 13.07 -16.10 23.40
N GLU A 435 11.87 -16.69 23.40
CA GLU A 435 10.70 -16.02 22.81
C GLU A 435 9.60 -15.55 23.78
N LYS A 436 9.09 -14.35 23.50
CA LYS A 436 8.02 -13.72 24.28
C LYS A 436 6.74 -14.57 24.25
N VAL A 437 6.20 -14.89 25.43
CA VAL A 437 4.99 -15.67 25.48
C VAL A 437 3.75 -14.80 25.44
N GLY A 438 3.48 -14.07 26.53
CA GLY A 438 2.30 -13.22 26.56
C GLY A 438 2.40 -11.93 25.76
N GLU A 439 2.47 -10.81 26.47
CA GLU A 439 2.57 -9.49 25.85
C GLU A 439 4.01 -8.98 25.98
N ALA A 440 4.38 -8.04 25.13
CA ALA A 440 5.72 -7.47 25.11
C ALA A 440 6.18 -6.70 26.35
N THR A 441 5.35 -5.82 26.88
CA THR A 441 5.77 -5.06 28.05
C THR A 441 5.72 -5.93 29.29
N GLU A 442 5.00 -7.04 29.24
CA GLU A 442 4.96 -7.89 30.41
C GLU A 442 6.01 -8.97 30.31
N THR A 443 6.18 -9.47 29.10
CA THR A 443 7.16 -10.50 28.90
C THR A 443 8.54 -9.93 29.22
N ALA A 444 8.65 -8.59 29.22
CA ALA A 444 9.92 -7.94 29.52
C ALA A 444 10.15 -7.93 31.02
N LEU A 445 9.06 -7.80 31.78
CA LEU A 445 9.13 -7.76 33.25
C LEU A 445 9.52 -9.11 33.81
N THR A 446 9.01 -10.18 33.22
CA THR A 446 9.39 -11.49 33.72
C THR A 446 10.90 -11.59 33.45
N THR A 447 11.35 -11.05 32.31
CA THR A 447 12.77 -11.08 31.96
C THR A 447 13.59 -10.30 32.98
N LEU A 448 13.12 -9.11 33.35
CA LEU A 448 13.83 -8.29 34.33
C LEU A 448 14.04 -9.08 35.61
N VAL A 449 12.97 -9.77 36.02
CA VAL A 449 12.99 -10.59 37.22
C VAL A 449 14.14 -11.60 37.22
N GLU A 450 14.33 -12.29 36.10
CA GLU A 450 15.40 -13.27 35.98
C GLU A 450 16.77 -12.60 36.10
N LYS A 451 16.90 -11.39 35.57
CA LYS A 451 18.18 -10.69 35.61
C LYS A 451 18.53 -10.07 36.97
N MET A 452 17.67 -10.24 37.96
CA MET A 452 17.97 -9.65 39.27
C MET A 452 17.55 -10.57 40.41
N ASN A 453 17.43 -11.87 40.12
CA ASN A 453 16.99 -12.88 41.08
C ASN A 453 17.28 -12.51 42.53
N VAL A 454 16.40 -11.70 43.07
CA VAL A 454 16.47 -11.18 44.42
C VAL A 454 17.01 -12.15 45.49
N PHE A 455 16.81 -13.45 45.27
CA PHE A 455 17.24 -14.42 46.27
C PHE A 455 18.60 -15.09 46.04
N ASN A 456 19.21 -14.81 44.89
CA ASN A 456 20.52 -15.38 44.56
C ASN A 456 20.42 -16.87 44.24
N THR A 457 19.19 -17.37 44.09
CA THR A 457 18.96 -18.78 43.80
C THR A 457 19.79 -19.33 42.61
N GLU A 458 20.49 -20.44 42.87
CA GLU A 458 21.34 -21.08 41.86
C GLU A 458 20.66 -21.40 40.55
N VAL A 459 21.34 -21.14 39.44
CA VAL A 459 20.75 -21.42 38.14
C VAL A 459 21.73 -21.76 37.00
N ARG A 460 23.01 -21.38 37.13
CA ARG A 460 24.00 -21.70 36.07
C ARG A 460 24.13 -23.22 36.01
N ASN A 461 23.52 -23.88 36.98
CA ASN A 461 23.49 -25.34 37.09
C ASN A 461 22.18 -25.79 36.46
N LEU A 462 21.66 -24.98 35.53
CA LEU A 462 20.40 -25.27 34.85
C LEU A 462 20.53 -24.97 33.36
N SER A 463 19.74 -25.68 32.56
CA SER A 463 19.75 -25.51 31.11
C SER A 463 19.09 -24.19 30.70
N LYS A 464 18.81 -24.04 29.42
CA LYS A 464 18.17 -22.83 28.92
C LYS A 464 16.66 -23.01 28.83
N VAL A 465 16.21 -24.26 28.73
CA VAL A 465 14.78 -24.55 28.65
C VAL A 465 14.13 -24.33 30.03
N GLU A 466 14.97 -24.30 31.06
CA GLU A 466 14.48 -24.10 32.42
C GLU A 466 14.97 -22.76 32.96
N ARG A 467 16.05 -22.25 32.37
CA ARG A 467 16.61 -20.96 32.77
C ARG A 467 15.56 -19.89 32.50
N ALA A 468 14.64 -20.21 31.57
CA ALA A 468 13.58 -19.32 31.15
C ALA A 468 12.84 -18.70 32.31
N ASN A 469 12.00 -19.50 32.97
CA ASN A 469 11.19 -19.03 34.13
C ASN A 469 11.65 -19.53 35.47
N ALA A 470 12.98 -19.45 35.73
CA ALA A 470 13.54 -19.96 36.98
C ALA A 470 13.30 -19.05 38.19
N CYS A 471 13.90 -17.86 38.19
CA CYS A 471 13.76 -16.93 39.32
C CYS A 471 12.34 -16.42 39.44
N ASN A 472 11.54 -16.68 38.43
CA ASN A 472 10.15 -16.24 38.45
C ASN A 472 9.28 -17.22 39.22
N SER A 473 9.42 -18.50 38.90
CA SER A 473 8.62 -19.50 39.59
C SER A 473 8.90 -19.52 41.09
N VAL A 474 10.07 -19.02 41.51
CA VAL A 474 10.36 -19.00 42.94
C VAL A 474 9.40 -18.05 43.61
N ILE A 475 9.29 -16.83 43.07
CA ILE A 475 8.40 -15.82 43.63
C ILE A 475 6.96 -16.30 43.49
N ARG A 476 6.71 -17.15 42.50
CA ARG A 476 5.36 -17.67 42.28
C ARG A 476 4.92 -18.64 43.37
N GLN A 477 5.87 -19.35 43.97
CA GLN A 477 5.56 -20.30 45.04
C GLN A 477 5.72 -19.66 46.43
N LEU A 478 6.01 -18.37 46.43
CA LEU A 478 6.21 -17.62 47.67
C LEU A 478 4.90 -16.95 48.06
N MET A 479 4.03 -16.78 47.07
CA MET A 479 2.72 -16.19 47.27
C MET A 479 1.75 -17.07 46.50
N LYS A 480 0.47 -16.93 46.79
CA LYS A 480 -0.54 -17.75 46.13
C LYS A 480 -1.48 -16.76 45.46
N LYS A 481 -1.39 -16.62 44.14
CA LYS A 481 -2.25 -15.67 43.44
C LYS A 481 -3.72 -16.06 43.50
N GLU A 482 -4.46 -15.35 44.34
CA GLU A 482 -5.89 -15.61 44.51
C GLU A 482 -6.65 -15.25 43.25
N PHE A 483 -6.56 -13.97 42.85
CA PHE A 483 -7.22 -13.47 41.66
C PHE A 483 -6.57 -12.19 41.14
N THR A 484 -6.87 -11.84 39.89
CA THR A 484 -6.30 -10.65 39.26
C THR A 484 -7.31 -9.64 38.73
N LEU A 485 -7.12 -8.37 39.04
CA LEU A 485 -8.01 -7.31 38.54
C LEU A 485 -7.40 -6.84 37.22
N GLU A 486 -7.92 -7.36 36.10
CA GLU A 486 -7.36 -7.01 34.80
C GLU A 486 -7.27 -5.52 34.49
N PHE A 487 -6.38 -5.21 33.55
CA PHE A 487 -6.15 -3.84 33.12
C PHE A 487 -7.39 -3.24 32.47
N SER A 488 -7.56 -1.94 32.69
CA SER A 488 -8.65 -1.19 32.09
C SER A 488 -8.10 0.22 31.89
N ARG A 489 -8.41 0.81 30.75
CA ARG A 489 -7.90 2.13 30.44
C ARG A 489 -8.43 3.24 31.32
N ASP A 490 -9.51 2.99 32.04
CA ASP A 490 -10.03 4.03 32.92
C ASP A 490 -8.99 4.28 34.04
N ARG A 491 -8.57 3.21 34.72
CA ARG A 491 -7.62 3.37 35.79
C ARG A 491 -6.17 3.19 35.35
N LYS A 492 -5.94 2.76 34.12
CA LYS A 492 -4.59 2.61 33.61
C LYS A 492 -3.70 1.74 34.52
N SER A 493 -4.22 0.60 34.95
CA SER A 493 -3.43 -0.28 35.81
C SER A 493 -4.13 -1.60 35.99
N MET A 494 -3.42 -2.52 36.62
CA MET A 494 -3.94 -3.84 36.89
C MET A 494 -3.33 -4.29 38.22
N SER A 495 -3.98 -5.24 38.90
CA SER A 495 -3.44 -5.71 40.16
C SER A 495 -3.75 -7.17 40.38
N VAL A 496 -3.23 -7.70 41.48
CA VAL A 496 -3.48 -9.08 41.82
C VAL A 496 -3.52 -9.20 43.32
N TYR A 497 -4.49 -9.98 43.78
CA TYR A 497 -4.73 -10.24 45.19
C TYR A 497 -4.10 -11.60 45.44
N CYS A 498 -2.99 -11.60 46.17
CA CYS A 498 -2.28 -12.83 46.48
C CYS A 498 -2.43 -13.13 47.96
N SER A 499 -2.22 -14.39 48.32
CA SER A 499 -2.30 -14.80 49.72
C SER A 499 -1.11 -15.70 49.93
N PRO A 500 -0.36 -15.44 51.01
CA PRO A 500 0.83 -16.23 51.36
C PRO A 500 0.57 -17.72 51.29
N ALA A 501 1.60 -18.47 50.92
CA ALA A 501 1.48 -19.92 50.86
C ALA A 501 1.96 -20.41 52.22
N LYS A 502 1.30 -21.44 52.75
CA LYS A 502 1.66 -22.02 54.05
C LYS A 502 1.88 -20.99 55.17
N SER A 503 2.30 -21.48 56.34
CA SER A 503 2.56 -20.64 57.52
C SER A 503 4.02 -20.20 57.60
N SER A 504 4.91 -20.95 56.95
CA SER A 504 6.35 -20.65 56.92
C SER A 504 6.63 -19.15 57.01
N ARG A 505 5.89 -18.38 56.21
CA ARG A 505 6.01 -16.93 56.19
C ARG A 505 4.75 -16.27 56.73
N ALA A 506 3.59 -16.65 56.14
CA ALA A 506 2.28 -16.12 56.53
C ALA A 506 2.36 -14.69 57.09
N ALA A 507 3.23 -13.88 56.48
CA ALA A 507 3.44 -12.50 56.92
C ALA A 507 2.28 -11.59 56.51
N VAL A 508 1.41 -11.29 57.50
CA VAL A 508 0.21 -10.45 57.35
C VAL A 508 -0.69 -10.88 56.17
N GLY A 509 -0.14 -11.72 55.30
CA GLY A 509 -0.88 -12.23 54.17
C GLY A 509 -1.69 -11.24 53.36
N ASN A 510 -2.50 -11.80 52.46
CA ASN A 510 -3.36 -11.02 51.60
C ASN A 510 -2.78 -9.65 51.27
N LYS A 511 -1.96 -9.64 50.23
CA LYS A 511 -1.34 -8.43 49.76
C LYS A 511 -1.90 -8.18 48.36
N MET A 512 -1.97 -6.91 47.98
CA MET A 512 -2.44 -6.59 46.63
C MET A 512 -1.29 -5.92 45.85
N PHE A 513 -0.85 -6.54 44.75
CA PHE A 513 0.24 -6.05 43.90
C PHE A 513 -0.19 -5.33 42.62
N VAL A 514 -0.09 -4.00 42.61
CA VAL A 514 -0.49 -3.21 41.44
C VAL A 514 0.66 -2.62 40.56
N LYS A 515 0.42 -2.57 39.26
CA LYS A 515 1.36 -1.99 38.28
C LYS A 515 0.55 -1.22 37.22
N GLY A 516 0.94 0.03 36.95
CA GLY A 516 0.22 0.81 35.96
C GLY A 516 0.92 2.11 35.62
N ALA A 517 0.28 2.98 34.84
CA ALA A 517 0.89 4.24 34.46
C ALA A 517 1.09 5.02 35.76
N PRO A 518 2.28 5.61 35.94
CA PRO A 518 2.67 6.38 37.12
C PRO A 518 1.69 7.42 37.63
N GLU A 519 1.23 8.34 36.78
CA GLU A 519 0.33 9.37 37.25
C GLU A 519 -0.80 8.77 38.08
N GLY A 520 -1.54 7.84 37.48
CA GLY A 520 -2.63 7.18 38.16
C GLY A 520 -2.20 6.48 39.43
N VAL A 521 -1.34 5.48 39.30
CA VAL A 521 -0.87 4.73 40.45
C VAL A 521 -0.28 5.60 41.58
N ILE A 522 0.63 6.50 41.28
CA ILE A 522 1.19 7.33 42.35
C ILE A 522 0.17 8.18 43.09
N ASP A 523 -0.90 8.57 42.41
CA ASP A 523 -1.91 9.37 43.09
C ASP A 523 -2.66 8.57 44.13
N ARG A 524 -2.77 7.27 43.88
CA ARG A 524 -3.50 6.40 44.81
C ARG A 524 -2.59 5.84 45.92
N CYS A 525 -1.40 6.41 46.08
CA CYS A 525 -0.46 5.96 47.10
C CYS A 525 -0.43 6.92 48.27
N ASN A 526 -0.58 6.40 49.49
CA ASN A 526 -0.53 7.24 50.69
C ASN A 526 0.74 6.89 51.46
N TYR A 527 1.45 5.86 51.02
CA TYR A 527 2.68 5.45 51.67
C TYR A 527 3.77 5.14 50.65
N VAL A 528 5.01 4.95 51.12
CA VAL A 528 6.15 4.65 50.27
C VAL A 528 7.05 3.64 50.99
N ARG A 529 7.32 2.51 50.37
CA ARG A 529 8.16 1.50 51.00
C ARG A 529 9.66 1.79 50.88
N VAL A 530 10.29 2.10 52.01
CA VAL A 530 11.73 2.37 52.06
C VAL A 530 12.43 1.10 52.55
N GLY A 531 12.77 0.24 51.61
CA GLY A 531 13.46 -1.00 51.93
C GLY A 531 12.57 -2.08 52.50
N THR A 532 12.24 -1.96 53.79
CA THR A 532 11.39 -2.93 54.48
C THR A 532 10.40 -2.18 55.32
N THR A 533 10.65 -0.89 55.51
CA THR A 533 9.75 -0.10 56.31
C THR A 533 8.81 0.72 55.41
N ARG A 534 7.85 1.41 56.03
CA ARG A 534 6.87 2.21 55.29
C ARG A 534 6.78 3.61 55.90
N VAL A 535 6.51 4.60 55.06
CA VAL A 535 6.43 5.98 55.54
C VAL A 535 5.32 6.72 54.80
N PRO A 536 4.72 7.74 55.41
CA PRO A 536 3.65 8.41 54.68
C PRO A 536 4.09 9.25 53.49
N MET A 537 3.51 8.96 52.33
CA MET A 537 3.78 9.66 51.09
C MET A 537 3.65 11.15 51.37
N THR A 538 4.64 11.93 50.96
CA THR A 538 4.61 13.37 51.19
C THR A 538 4.95 14.14 49.93
N GLY A 539 4.40 15.36 49.85
CA GLY A 539 4.63 16.22 48.69
C GLY A 539 6.06 16.12 48.17
N PRO A 540 7.07 16.43 49.01
CA PRO A 540 8.46 16.34 48.56
C PRO A 540 8.76 15.05 47.80
N VAL A 541 8.67 13.92 48.48
CA VAL A 541 8.94 12.64 47.84
C VAL A 541 8.16 12.43 46.56
N LYS A 542 6.93 12.96 46.51
CA LYS A 542 6.12 12.80 45.31
C LYS A 542 6.77 13.50 44.10
N GLU A 543 7.19 14.74 44.30
CA GLU A 543 7.82 15.51 43.22
C GLU A 543 9.08 14.83 42.71
N LYS A 544 9.92 14.42 43.63
CA LYS A 544 11.15 13.74 43.26
C LYS A 544 10.85 12.51 42.42
N ILE A 545 9.69 11.89 42.65
CA ILE A 545 9.32 10.69 41.92
C ILE A 545 8.84 10.99 40.52
N LEU A 546 7.88 11.90 40.42
CA LEU A 546 7.33 12.28 39.14
C LEU A 546 8.41 12.82 38.22
N SER A 547 9.33 13.60 38.79
CA SER A 547 10.42 14.17 38.01
C SER A 547 11.25 13.10 37.28
N VAL A 548 11.77 12.13 38.03
CA VAL A 548 12.57 11.07 37.42
C VAL A 548 11.80 10.38 36.31
N ILE A 549 10.48 10.26 36.49
CA ILE A 549 9.64 9.62 35.48
C ILE A 549 9.63 10.53 34.25
N LYS A 550 9.51 11.85 34.43
CA LYS A 550 9.48 12.75 33.28
C LYS A 550 10.82 12.77 32.55
N GLU A 551 11.92 12.67 33.30
CA GLU A 551 13.25 12.66 32.68
C GLU A 551 13.48 11.37 31.88
N TRP A 552 12.85 10.28 32.31
CA TRP A 552 13.01 8.99 31.66
C TRP A 552 12.08 8.84 30.48
N GLY A 553 10.94 9.53 30.53
CA GLY A 553 9.98 9.40 29.44
C GLY A 553 10.04 10.54 28.45
N THR A 554 10.69 11.63 28.84
CA THR A 554 10.82 12.80 27.98
C THR A 554 12.28 12.91 27.55
N GLY A 555 13.19 12.63 28.47
CA GLY A 555 14.61 12.70 28.16
C GLY A 555 15.01 11.83 26.98
N ARG A 556 16.26 11.98 26.54
CA ARG A 556 16.78 11.23 25.41
C ARG A 556 16.64 9.72 25.57
N ASP A 557 16.12 9.28 26.70
CA ASP A 557 15.95 7.85 26.93
C ASP A 557 14.66 7.36 26.28
N THR A 558 13.63 8.21 26.32
CA THR A 558 12.33 7.89 25.74
C THR A 558 11.85 6.53 26.26
N LEU A 559 11.91 6.35 27.58
CA LEU A 559 11.49 5.11 28.19
C LEU A 559 10.06 5.17 28.66
N ARG A 560 9.34 4.07 28.47
CA ARG A 560 7.96 4.00 28.93
C ARG A 560 8.03 3.51 30.39
N CYS A 561 7.48 4.29 31.33
CA CYS A 561 7.54 3.88 32.73
C CYS A 561 6.30 3.22 33.32
N LEU A 562 6.57 2.28 34.21
CA LEU A 562 5.53 1.55 34.93
C LEU A 562 5.72 1.70 36.43
N ALA A 563 4.78 2.35 37.12
CA ALA A 563 4.88 2.48 38.56
C ALA A 563 4.43 1.14 39.18
N LEU A 564 5.16 0.68 40.20
CA LEU A 564 4.83 -0.57 40.87
C LEU A 564 4.50 -0.29 42.33
N ALA A 565 3.36 -0.81 42.79
CA ALA A 565 2.93 -0.60 44.18
C ALA A 565 2.24 -1.82 44.80
N THR A 566 1.98 -1.74 46.10
CA THR A 566 1.30 -2.83 46.79
C THR A 566 0.33 -2.18 47.77
N ARG A 567 -0.78 -2.86 48.01
CA ARG A 567 -1.76 -2.41 49.00
C ARG A 567 -1.51 -3.37 50.14
N ASP A 568 -0.89 -2.87 51.22
CA ASP A 568 -0.54 -3.68 52.38
C ASP A 568 -1.74 -4.34 53.05
N THR A 569 -2.75 -3.56 53.40
CA THR A 569 -3.93 -4.14 54.01
C THR A 569 -5.09 -3.97 53.02
N PRO A 570 -5.20 -4.89 52.07
CA PRO A 570 -6.29 -4.79 51.08
C PRO A 570 -7.64 -5.03 51.76
N PRO A 571 -8.75 -4.73 51.05
CA PRO A 571 -10.04 -4.97 51.69
C PRO A 571 -10.17 -6.48 51.88
N LYS A 572 -11.15 -6.86 52.70
CA LYS A 572 -11.38 -8.28 52.98
C LYS A 572 -11.88 -8.93 51.71
N ARG A 573 -11.37 -10.13 51.42
CA ARG A 573 -11.81 -10.80 50.21
C ARG A 573 -13.33 -10.78 49.95
N GLU A 574 -14.13 -11.10 50.98
CA GLU A 574 -15.59 -11.12 50.82
C GLU A 574 -16.20 -9.77 50.41
N GLU A 575 -15.56 -8.68 50.78
CA GLU A 575 -16.07 -7.36 50.48
C GLU A 575 -15.76 -6.87 49.05
N MET A 576 -15.18 -7.74 48.22
CA MET A 576 -14.84 -7.36 46.85
C MET A 576 -15.72 -8.05 45.79
N VAL A 577 -16.18 -7.27 44.82
CA VAL A 577 -17.00 -7.78 43.72
C VAL A 577 -16.05 -7.90 42.54
N LEU A 578 -15.47 -9.07 42.37
CA LEU A 578 -14.51 -9.31 41.31
C LEU A 578 -15.07 -9.35 39.88
N ASP A 579 -16.22 -8.73 39.61
CA ASP A 579 -16.77 -8.79 38.25
C ASP A 579 -17.38 -7.53 37.64
N ASP A 580 -16.89 -6.37 38.10
CA ASP A 580 -17.32 -5.08 37.58
C ASP A 580 -16.08 -4.16 37.61
N SER A 581 -15.32 -4.18 36.53
CA SER A 581 -14.09 -3.40 36.45
C SER A 581 -14.26 -1.96 36.89
N SER A 582 -15.49 -1.58 37.24
CA SER A 582 -15.79 -0.22 37.67
C SER A 582 -15.34 0.01 39.10
N ARG A 583 -15.31 -1.06 39.89
CA ARG A 583 -14.93 -0.98 41.29
C ARG A 583 -13.46 -1.29 41.54
N PHE A 584 -12.75 -1.74 40.50
CA PHE A 584 -11.33 -2.10 40.62
C PHE A 584 -10.43 -0.96 41.06
N MET A 585 -10.68 0.25 40.57
CA MET A 585 -9.85 1.38 40.98
C MET A 585 -10.03 1.63 42.49
N GLU A 586 -11.23 1.36 42.99
CA GLU A 586 -11.53 1.54 44.41
C GLU A 586 -10.71 0.56 45.26
N TYR A 587 -10.59 -0.67 44.78
CA TYR A 587 -9.82 -1.71 45.46
C TYR A 587 -8.31 -1.44 45.44
N GLU A 588 -7.86 -0.77 44.38
CA GLU A 588 -6.45 -0.42 44.22
C GLU A 588 -6.14 0.95 44.79
N THR A 589 -6.56 1.22 46.01
CA THR A 589 -6.27 2.51 46.60
C THR A 589 -5.54 2.35 47.92
N ASP A 590 -5.20 3.48 48.54
CA ASP A 590 -4.45 3.49 49.80
C ASP A 590 -3.25 2.58 49.61
N LEU A 591 -2.50 2.85 48.56
CA LEU A 591 -1.33 2.06 48.22
C LEU A 591 -0.04 2.61 48.79
N THR A 592 1.00 1.80 48.67
CA THR A 592 2.33 2.20 49.11
C THR A 592 3.25 2.01 47.88
N PHE A 593 3.90 3.10 47.48
CA PHE A 593 4.80 3.08 46.32
C PHE A 593 6.01 2.21 46.59
N VAL A 594 6.34 1.30 45.69
CA VAL A 594 7.52 0.48 45.91
C VAL A 594 8.64 0.75 44.89
N GLY A 595 8.31 1.28 43.71
CA GLY A 595 9.34 1.56 42.70
C GLY A 595 8.81 1.68 41.27
N VAL A 596 9.64 2.14 40.34
CA VAL A 596 9.20 2.24 38.96
C VAL A 596 10.23 1.57 38.09
N VAL A 597 9.80 1.19 36.92
CA VAL A 597 10.63 0.50 35.97
C VAL A 597 10.45 1.19 34.62
N GLY A 598 11.55 1.55 33.96
CA GLY A 598 11.43 2.21 32.68
C GLY A 598 11.98 1.31 31.59
N MET A 599 11.12 0.93 30.65
CA MET A 599 11.57 0.07 29.58
C MET A 599 11.64 0.84 28.28
N LEU A 600 12.24 0.19 27.29
CA LEU A 600 12.45 0.76 25.98
C LEU A 600 12.13 -0.14 24.79
N ASP A 601 11.43 0.47 23.83
CA ASP A 601 11.07 -0.17 22.58
C ASP A 601 12.02 0.54 21.60
N PRO A 602 13.10 -0.16 21.24
CA PRO A 602 14.15 0.31 20.33
C PRO A 602 13.77 0.58 18.87
N PRO A 603 14.17 1.75 18.35
CA PRO A 603 13.90 2.14 16.97
C PRO A 603 14.74 1.16 16.17
N ARG A 604 14.40 0.93 14.91
CA ARG A 604 15.22 0.00 14.15
C ARG A 604 16.44 0.75 13.61
N LYS A 605 17.51 0.00 13.37
CA LYS A 605 18.76 0.56 12.86
C LYS A 605 18.50 1.44 11.63
N GLU A 606 18.02 0.81 10.57
CA GLU A 606 17.74 1.47 9.29
C GLU A 606 16.72 2.62 9.30
N VAL A 607 15.97 2.77 10.38
CA VAL A 607 14.96 3.81 10.46
C VAL A 607 15.49 5.25 10.51
N MET A 608 16.56 5.44 11.28
CA MET A 608 17.18 6.75 11.42
C MET A 608 17.53 7.34 10.07
N GLY A 609 18.25 6.56 9.27
CA GLY A 609 18.65 7.02 7.97
C GLY A 609 17.49 7.25 7.04
N SER A 610 16.56 6.30 7.09
CA SER A 610 15.36 6.35 6.26
C SER A 610 14.60 7.63 6.51
N ILE A 611 14.54 8.06 7.76
CA ILE A 611 13.82 9.29 8.01
C ILE A 611 14.54 10.43 7.29
N GLN A 612 15.88 10.40 7.30
CA GLN A 612 16.66 11.44 6.64
C GLN A 612 16.37 11.50 5.15
N LEU A 613 16.39 10.34 4.51
CA LEU A 613 16.11 10.27 3.08
C LEU A 613 14.83 11.01 2.72
N CYS A 614 13.79 10.84 3.52
CA CYS A 614 12.50 11.49 3.25
C CYS A 614 12.59 13.00 3.28
N ARG A 615 13.49 13.49 4.13
CA ARG A 615 13.72 14.91 4.25
C ARG A 615 14.28 15.41 2.95
N ASP A 616 15.31 14.72 2.48
CA ASP A 616 16.01 15.07 1.25
C ASP A 616 15.05 14.89 0.07
N ALA A 617 14.12 13.96 0.20
CA ALA A 617 13.16 13.69 -0.85
C ALA A 617 11.86 14.51 -0.78
N GLY A 618 11.76 15.40 0.20
CA GLY A 618 10.57 16.22 0.33
C GLY A 618 9.32 15.47 0.79
N ILE A 619 9.53 14.27 1.34
CA ILE A 619 8.43 13.45 1.84
C ILE A 619 8.24 13.66 3.35
N ARG A 620 7.03 14.04 3.75
CA ARG A 620 6.72 14.26 5.17
C ARG A 620 6.41 12.92 5.85
N VAL A 621 6.97 12.70 7.04
CA VAL A 621 6.74 11.44 7.76
C VAL A 621 5.91 11.66 9.02
N ILE A 622 4.72 11.05 9.06
CA ILE A 622 3.85 11.19 10.22
C ILE A 622 3.77 9.91 11.02
N MET A 623 4.16 10.02 12.28
CA MET A 623 4.11 8.89 13.19
C MET A 623 2.75 8.76 13.86
N ILE A 624 2.24 7.55 13.88
CA ILE A 624 0.98 7.29 14.55
C ILE A 624 1.31 6.29 15.66
N THR A 625 1.19 6.75 16.91
CA THR A 625 1.52 5.94 18.09
C THR A 625 0.52 5.88 19.25
N GLY A 626 0.74 4.93 20.15
CA GLY A 626 -0.12 4.78 21.30
C GLY A 626 0.45 5.52 22.49
N ASP A 627 1.76 5.50 22.63
CA ASP A 627 2.39 6.20 23.72
C ASP A 627 1.75 7.56 23.95
N ASN A 628 1.64 7.97 25.21
CA ASN A 628 1.04 9.25 25.52
C ASN A 628 1.77 10.32 24.72
N LYS A 629 1.26 11.55 24.76
CA LYS A 629 1.84 12.66 24.01
C LYS A 629 3.32 12.82 24.35
N GLY A 630 3.63 13.71 25.30
CA GLY A 630 5.00 13.97 25.71
C GLY A 630 6.07 12.98 25.31
N THR A 631 5.81 11.69 25.53
CA THR A 631 6.75 10.61 25.19
C THR A 631 6.80 10.39 23.67
N ALA A 632 5.65 10.50 23.02
CA ALA A 632 5.58 10.34 21.57
C ALA A 632 6.57 11.33 20.93
N ILE A 633 6.52 12.59 21.34
CA ILE A 633 7.42 13.60 20.82
C ILE A 633 8.88 13.16 20.97
N ALA A 634 9.24 12.72 22.18
CA ALA A 634 10.57 12.24 22.49
C ALA A 634 11.00 11.26 21.42
N ILE A 635 10.14 10.28 21.18
CA ILE A 635 10.41 9.25 20.18
C ILE A 635 10.65 9.87 18.79
N CYS A 636 9.93 10.95 18.48
CA CYS A 636 10.06 11.59 17.17
C CYS A 636 11.42 12.25 17.01
N ARG A 637 11.90 12.85 18.08
CA ARG A 637 13.21 13.51 18.06
C ARG A 637 14.27 12.43 17.96
N ARG A 638 14.12 11.39 18.76
CA ARG A 638 15.09 10.32 18.71
C ARG A 638 15.28 9.71 17.32
N ILE A 639 14.22 9.71 16.51
CA ILE A 639 14.32 9.14 15.17
C ILE A 639 14.48 10.20 14.08
N GLY A 640 14.37 11.47 14.46
CA GLY A 640 14.54 12.51 13.47
C GLY A 640 13.28 13.12 12.91
N ILE A 641 12.12 12.82 13.45
CA ILE A 641 10.91 13.46 12.92
C ILE A 641 11.01 14.93 13.36
N PHE A 642 11.48 15.11 14.59
CA PHE A 642 11.68 16.41 15.17
C PHE A 642 13.15 16.57 15.56
N GLY A 643 13.58 17.84 15.61
CA GLY A 643 14.94 18.14 15.99
C GLY A 643 14.98 18.20 17.51
N GLU A 644 16.06 17.71 18.09
CA GLU A 644 16.19 17.69 19.54
C GLU A 644 15.65 18.95 20.21
N ASN A 645 15.87 20.10 19.59
CA ASN A 645 15.43 21.37 20.17
C ASN A 645 14.38 22.05 19.32
N GLU A 646 13.99 21.38 18.23
CA GLU A 646 12.99 21.94 17.34
C GLU A 646 11.66 22.08 18.07
N GLU A 647 10.95 23.18 17.79
CA GLU A 647 9.65 23.39 18.41
C GLU A 647 8.65 22.40 17.85
N VAL A 648 7.68 22.00 18.66
CA VAL A 648 6.70 21.01 18.22
C VAL A 648 5.27 21.32 18.65
N ALA A 649 5.10 22.38 19.43
CA ALA A 649 3.78 22.78 19.90
C ALA A 649 2.62 22.45 18.95
N ASP A 650 2.71 22.94 17.72
CA ASP A 650 1.63 22.72 16.74
C ASP A 650 1.81 21.56 15.79
N ARG A 651 2.91 20.83 15.93
CA ARG A 651 3.17 19.72 15.03
C ARG A 651 2.87 18.34 15.64
N ALA A 652 2.30 18.34 16.83
CA ALA A 652 1.97 17.09 17.52
C ALA A 652 0.60 17.14 18.21
N TYR A 653 -0.25 16.15 17.94
CA TYR A 653 -1.58 16.11 18.52
C TYR A 653 -1.98 14.77 19.08
N THR A 654 -2.86 14.81 20.06
CA THR A 654 -3.37 13.63 20.73
C THR A 654 -4.77 13.42 20.17
N GLY A 655 -5.23 12.18 20.14
CA GLY A 655 -6.56 11.93 19.61
C GLY A 655 -7.59 12.87 20.21
N ARG A 656 -7.44 13.15 21.48
CA ARG A 656 -8.37 14.04 22.17
C ARG A 656 -8.29 15.45 21.59
N GLU A 657 -7.11 16.07 21.73
CA GLU A 657 -6.86 17.42 21.24
C GLU A 657 -7.46 17.65 19.87
N PHE A 658 -7.13 16.73 18.98
CA PHE A 658 -7.59 16.78 17.59
C PHE A 658 -9.10 16.82 17.49
N ASP A 659 -9.78 15.92 18.20
CA ASP A 659 -11.24 15.87 18.16
C ASP A 659 -11.80 17.17 18.73
N ASP A 660 -11.11 17.71 19.73
CA ASP A 660 -11.53 18.96 20.37
C ASP A 660 -11.48 20.14 19.40
N LEU A 661 -10.86 19.96 18.24
CA LEU A 661 -10.77 21.03 17.26
C LEU A 661 -11.92 21.03 16.26
N PRO A 662 -12.12 22.18 15.61
CA PRO A 662 -13.19 22.34 14.62
C PRO A 662 -12.64 21.98 13.24
N LEU A 663 -13.52 21.47 12.36
CA LEU A 663 -13.10 21.09 11.03
C LEU A 663 -12.04 22.04 10.48
N ALA A 664 -12.18 23.33 10.78
CA ALA A 664 -11.22 24.32 10.32
C ALA A 664 -9.79 23.97 10.68
N GLU A 665 -9.47 23.96 11.98
CA GLU A 665 -8.11 23.65 12.43
C GLU A 665 -7.76 22.18 12.37
N GLN A 666 -8.76 21.31 12.35
CA GLN A 666 -8.47 19.90 12.24
C GLN A 666 -7.71 19.73 10.91
N ARG A 667 -8.21 20.39 9.88
CA ARG A 667 -7.59 20.33 8.55
C ARG A 667 -6.24 21.04 8.54
N GLU A 668 -6.12 22.12 9.31
CA GLU A 668 -4.89 22.88 9.38
C GLU A 668 -3.80 22.08 10.09
N ALA A 669 -4.20 21.40 11.17
CA ALA A 669 -3.26 20.59 11.94
C ALA A 669 -2.56 19.56 11.05
N CYS A 670 -3.33 18.95 10.18
CA CYS A 670 -2.79 17.93 9.30
C CYS A 670 -1.71 18.34 8.30
N ARG A 671 -1.65 19.61 7.90
CA ARG A 671 -0.62 20.01 6.93
C ARG A 671 0.74 20.27 7.59
N ARG A 672 0.72 20.45 8.91
CA ARG A 672 1.94 20.74 9.65
C ARG A 672 2.31 19.70 10.69
N ALA A 673 1.34 18.88 11.08
CA ALA A 673 1.58 17.84 12.07
C ALA A 673 2.52 16.76 11.58
N CYS A 674 3.16 16.07 12.51
CA CYS A 674 4.08 15.01 12.19
C CYS A 674 4.05 13.93 13.27
N CYS A 675 3.22 14.12 14.29
CA CYS A 675 3.11 13.14 15.37
C CYS A 675 1.73 13.06 16.01
N PHE A 676 1.06 11.91 15.83
CA PHE A 676 -0.27 11.68 16.40
C PHE A 676 -0.21 10.58 17.47
N ALA A 677 -0.55 10.95 18.72
CA ALA A 677 -0.51 10.01 19.83
C ALA A 677 -1.92 9.70 20.33
N ARG A 678 -2.10 8.48 20.83
CA ARG A 678 -3.41 8.06 21.34
C ARG A 678 -4.47 8.31 20.30
N VAL A 679 -4.19 7.84 19.09
CA VAL A 679 -5.11 7.99 17.97
C VAL A 679 -6.28 7.03 18.05
N GLU A 680 -6.96 6.82 16.93
CA GLU A 680 -8.13 5.97 16.88
C GLU A 680 -8.49 5.74 15.38
N PRO A 681 -9.04 4.55 15.02
CA PRO A 681 -9.43 4.20 13.64
C PRO A 681 -10.14 5.30 12.86
N SER A 682 -11.03 6.00 13.56
CA SER A 682 -11.78 7.08 12.93
C SER A 682 -10.81 8.13 12.40
N HIS A 683 -9.77 8.40 13.18
CA HIS A 683 -8.75 9.40 12.84
C HIS A 683 -7.95 9.10 11.57
N LYS A 684 -7.43 7.89 11.47
CA LYS A 684 -6.66 7.56 10.29
C LYS A 684 -7.41 7.92 9.01
N SER A 685 -8.72 7.67 8.96
CA SER A 685 -9.45 8.03 7.76
C SER A 685 -9.60 9.54 7.65
N LYS A 686 -9.86 10.21 8.77
CA LYS A 686 -10.00 11.65 8.76
C LYS A 686 -8.67 12.30 8.34
N ILE A 687 -7.57 11.83 8.91
CA ILE A 687 -6.28 12.39 8.60
C ILE A 687 -5.93 12.23 7.13
N VAL A 688 -6.41 11.17 6.49
CA VAL A 688 -6.11 10.97 5.09
C VAL A 688 -6.86 11.99 4.27
N GLU A 689 -8.15 12.13 4.54
CA GLU A 689 -8.98 13.09 3.81
C GLU A 689 -8.34 14.47 3.81
N TYR A 690 -7.94 14.93 4.98
CA TYR A 690 -7.31 16.24 5.07
C TYR A 690 -6.04 16.28 4.22
N LEU A 691 -5.16 15.31 4.41
CA LEU A 691 -3.93 15.27 3.62
C LEU A 691 -4.24 15.32 2.13
N GLN A 692 -5.40 14.80 1.76
CA GLN A 692 -5.85 14.75 0.38
C GLN A 692 -6.41 16.08 -0.07
N SER A 693 -6.93 16.85 0.88
CA SER A 693 -7.51 18.15 0.58
C SER A 693 -6.38 19.09 0.22
N TYR A 694 -5.15 18.60 0.27
CA TYR A 694 -3.97 19.38 -0.07
C TYR A 694 -3.27 18.65 -1.22
N ASP A 695 -4.07 17.88 -1.95
CA ASP A 695 -3.60 17.11 -3.09
C ASP A 695 -2.29 16.43 -2.82
N GLU A 696 -2.17 15.87 -1.62
CA GLU A 696 -0.96 15.16 -1.25
C GLU A 696 -1.14 13.66 -1.43
N ILE A 697 -0.14 13.03 -2.05
CA ILE A 697 -0.17 11.60 -2.28
C ILE A 697 0.36 10.97 -1.00
N THR A 698 -0.55 10.48 -0.18
CA THR A 698 -0.20 9.89 1.09
C THR A 698 -0.29 8.38 1.14
N ALA A 699 0.63 7.78 1.89
CA ALA A 699 0.67 6.34 2.11
C ALA A 699 0.36 6.17 3.60
N MET A 700 -0.43 5.15 3.91
CA MET A 700 -0.85 4.88 5.28
C MET A 700 -0.62 3.41 5.65
N THR A 701 -0.14 3.17 6.86
CA THR A 701 0.09 1.81 7.33
C THR A 701 -1.10 1.32 8.17
N GLY A 702 -1.26 0.01 8.26
CA GLY A 702 -2.34 -0.56 9.03
C GLY A 702 -2.15 -2.06 9.00
N ASP A 703 -2.98 -2.83 9.71
CA ASP A 703 -2.84 -4.30 9.71
C ASP A 703 -4.06 -5.06 10.19
N GLY A 704 -4.95 -4.36 10.88
CA GLY A 704 -6.14 -5.00 11.38
C GLY A 704 -7.28 -4.65 10.46
N VAL A 705 -8.40 -5.32 10.62
CA VAL A 705 -9.57 -5.04 9.79
C VAL A 705 -10.06 -3.63 10.09
N ASN A 706 -9.69 -3.11 11.25
CA ASN A 706 -10.12 -1.77 11.61
C ASN A 706 -9.34 -0.72 10.84
N ASP A 707 -8.21 -1.12 10.24
CA ASP A 707 -7.37 -0.20 9.47
C ASP A 707 -7.73 -0.21 7.98
N ALA A 708 -8.41 -1.26 7.54
CA ALA A 708 -8.78 -1.38 6.15
C ALA A 708 -9.53 -0.17 5.56
N PRO A 709 -10.47 0.41 6.30
CA PRO A 709 -11.13 1.56 5.66
C PRO A 709 -10.09 2.60 5.23
N ALA A 710 -9.18 2.95 6.14
CA ALA A 710 -8.15 3.93 5.85
C ALA A 710 -7.13 3.43 4.84
N LEU A 711 -6.68 2.19 5.01
CA LEU A 711 -5.71 1.62 4.08
C LEU A 711 -6.22 1.72 2.66
N LYS A 712 -7.53 1.60 2.49
CA LYS A 712 -8.11 1.63 1.16
C LYS A 712 -8.40 3.05 0.69
N LYS A 713 -8.37 3.99 1.61
CA LYS A 713 -8.65 5.35 1.29
C LYS A 713 -7.39 6.16 0.95
N ALA A 714 -6.26 5.74 1.50
CA ALA A 714 -4.98 6.41 1.27
C ALA A 714 -4.66 6.23 -0.20
N GLU A 715 -3.64 6.91 -0.69
CA GLU A 715 -3.26 6.76 -2.10
C GLU A 715 -2.52 5.44 -2.21
N ILE A 716 -1.82 5.07 -1.14
CA ILE A 716 -1.09 3.82 -1.10
C ILE A 716 -1.31 3.25 0.28
N GLY A 717 -1.98 2.11 0.32
CA GLY A 717 -2.21 1.46 1.59
C GLY A 717 -1.07 0.50 1.79
N ILE A 718 -0.41 0.62 2.93
CA ILE A 718 0.70 -0.27 3.24
C ILE A 718 0.30 -1.16 4.40
N ALA A 719 0.24 -2.46 4.11
CA ALA A 719 -0.10 -3.48 5.10
C ALA A 719 1.12 -4.22 5.57
N MET A 720 1.07 -4.65 6.82
CA MET A 720 2.14 -5.40 7.46
C MET A 720 2.10 -6.87 7.04
N GLY A 721 3.26 -7.41 6.68
CA GLY A 721 3.36 -8.81 6.29
C GLY A 721 2.79 -9.74 7.37
N SER A 722 3.03 -9.38 8.63
CA SER A 722 2.53 -10.15 9.75
C SER A 722 1.06 -9.82 10.05
N GLY A 723 0.50 -8.87 9.32
CA GLY A 723 -0.88 -8.44 9.53
C GLY A 723 -1.95 -9.34 8.98
N THR A 724 -3.21 -8.96 9.21
CA THR A 724 -4.33 -9.75 8.74
C THR A 724 -4.36 -9.75 7.23
N ALA A 725 -5.14 -10.67 6.65
CA ALA A 725 -5.25 -10.75 5.21
C ALA A 725 -6.18 -9.70 4.67
N VAL A 726 -7.10 -9.24 5.51
CA VAL A 726 -8.02 -8.21 5.06
C VAL A 726 -7.21 -6.96 4.85
N ALA A 727 -6.34 -6.63 5.80
CA ALA A 727 -5.50 -5.44 5.66
C ALA A 727 -4.72 -5.57 4.38
N LYS A 728 -4.13 -6.74 4.17
CA LYS A 728 -3.34 -6.94 2.98
C LYS A 728 -4.09 -6.76 1.71
N THR A 729 -5.25 -7.39 1.59
CA THR A 729 -6.03 -7.30 0.37
C THR A 729 -6.59 -5.91 0.08
N ALA A 730 -6.47 -5.00 1.04
CA ALA A 730 -6.99 -3.65 0.83
C ALA A 730 -5.89 -2.64 0.61
N SER A 731 -4.66 -3.12 0.65
CA SER A 731 -3.49 -2.27 0.51
C SER A 731 -2.87 -2.55 -0.85
N GLU A 732 -2.08 -1.60 -1.36
CA GLU A 732 -1.41 -1.77 -2.65
C GLU A 732 -0.05 -2.43 -2.44
N MET A 733 0.45 -2.35 -1.21
CA MET A 733 1.74 -2.92 -0.92
C MET A 733 1.83 -3.56 0.45
N VAL A 734 2.62 -4.61 0.57
CA VAL A 734 2.79 -5.31 1.85
C VAL A 734 4.26 -5.31 2.29
N LEU A 735 4.50 -5.01 3.56
CA LEU A 735 5.88 -5.00 4.07
C LEU A 735 6.26 -6.37 4.63
N ALA A 736 6.95 -7.19 3.85
CA ALA A 736 7.33 -8.51 4.31
C ALA A 736 7.98 -8.48 5.69
N ASP A 737 8.77 -7.46 5.97
CA ASP A 737 9.42 -7.40 7.27
C ASP A 737 8.85 -6.35 8.19
N ASP A 738 7.68 -5.83 7.83
CA ASP A 738 7.01 -4.79 8.62
C ASP A 738 7.92 -3.59 8.92
N ASN A 739 9.04 -3.49 8.22
CA ASN A 739 9.99 -2.41 8.45
C ASN A 739 9.70 -1.14 7.65
N PHE A 740 9.68 -0.01 8.36
CA PHE A 740 9.43 1.28 7.75
C PHE A 740 10.42 1.57 6.65
N SER A 741 11.68 1.27 6.90
CA SER A 741 12.69 1.54 5.90
C SER A 741 12.31 0.87 4.58
N THR A 742 11.65 -0.28 4.65
CA THR A 742 11.23 -1.01 3.45
C THR A 742 10.37 -0.10 2.62
N ILE A 743 9.54 0.70 3.27
CA ILE A 743 8.69 1.63 2.56
C ILE A 743 9.54 2.59 1.76
N VAL A 744 10.42 3.34 2.43
CA VAL A 744 11.26 4.29 1.72
C VAL A 744 12.01 3.63 0.56
N ALA A 745 12.57 2.46 0.79
CA ALA A 745 13.28 1.75 -0.28
C ALA A 745 12.33 1.58 -1.46
N ALA A 746 11.05 1.35 -1.18
CA ALA A 746 10.07 1.17 -2.24
C ALA A 746 9.71 2.46 -2.98
N VAL A 747 9.56 3.55 -2.24
CA VAL A 747 9.25 4.81 -2.87
C VAL A 747 10.38 5.17 -3.81
N GLU A 748 11.60 4.88 -3.41
CA GLU A 748 12.74 5.20 -4.26
C GLU A 748 12.66 4.46 -5.61
N GLU A 749 12.56 3.14 -5.55
CA GLU A 749 12.44 2.30 -6.74
C GLU A 749 11.34 2.89 -7.60
N GLY A 750 10.24 3.27 -6.99
CA GLY A 750 9.14 3.85 -7.72
C GLY A 750 9.58 5.02 -8.58
N ARG A 751 10.30 5.94 -7.95
CA ARG A 751 10.81 7.13 -8.64
C ARG A 751 11.75 6.72 -9.80
N ALA A 752 12.54 5.67 -9.56
CA ALA A 752 13.46 5.15 -10.54
C ALA A 752 12.65 4.68 -11.72
N ILE A 753 11.80 3.69 -11.44
CA ILE A 753 10.96 3.09 -12.45
C ILE A 753 10.33 4.20 -13.32
N TYR A 754 9.58 5.12 -12.71
CA TYR A 754 8.93 6.15 -13.51
C TYR A 754 9.85 6.89 -14.44
N ASN A 755 11.06 7.19 -13.99
CA ASN A 755 12.02 7.91 -14.81
C ASN A 755 12.37 7.22 -16.14
N ASN A 756 12.67 5.91 -16.10
CA ASN A 756 12.96 5.17 -17.32
C ASN A 756 11.65 5.07 -18.09
N MET A 757 10.63 4.58 -17.40
CA MET A 757 9.30 4.43 -17.94
C MET A 757 8.91 5.70 -18.70
N LYS A 758 9.19 6.85 -18.10
CA LYS A 758 8.89 8.13 -18.73
C LYS A 758 9.65 8.33 -20.05
N GLN A 759 10.83 7.72 -20.14
CA GLN A 759 11.63 7.84 -21.36
C GLN A 759 11.08 6.97 -22.46
N PHE A 760 11.09 5.67 -22.26
CA PHE A 760 10.58 4.82 -23.31
C PHE A 760 9.17 5.20 -23.78
N ILE A 761 8.40 5.85 -22.93
CA ILE A 761 7.05 6.26 -23.34
C ILE A 761 7.19 7.38 -24.36
N ARG A 762 8.04 8.35 -24.03
CA ARG A 762 8.30 9.49 -24.90
C ARG A 762 8.81 9.01 -26.25
N TYR A 763 9.68 8.01 -26.18
CA TYR A 763 10.32 7.40 -27.34
C TYR A 763 9.26 6.83 -28.26
N LEU A 764 8.45 5.90 -27.74
CA LEU A 764 7.40 5.28 -28.54
C LEU A 764 6.41 6.32 -29.02
N ILE A 765 5.96 7.19 -28.13
CA ILE A 765 5.01 8.19 -28.54
C ILE A 765 5.59 9.03 -29.69
N SER A 766 6.84 9.47 -29.56
CA SER A 766 7.44 10.29 -30.62
C SER A 766 7.43 9.57 -31.98
N SER A 767 7.86 8.31 -32.00
CA SER A 767 7.86 7.56 -33.23
C SER A 767 6.47 7.58 -33.82
N ASN A 768 5.42 7.43 -33.01
CA ASN A 768 4.08 7.47 -33.57
C ASN A 768 3.86 8.81 -34.25
N VAL A 769 4.32 9.89 -33.62
CA VAL A 769 4.15 11.21 -34.20
C VAL A 769 4.73 11.24 -35.61
N GLY A 770 5.95 10.75 -35.77
CA GLY A 770 6.56 10.76 -37.08
C GLY A 770 5.86 9.86 -38.09
N GLU A 771 5.52 8.66 -37.64
CA GLU A 771 4.83 7.70 -38.51
C GLU A 771 3.63 8.39 -39.08
N VAL A 772 2.96 9.17 -38.24
CA VAL A 772 1.79 9.88 -38.70
C VAL A 772 2.13 10.97 -39.71
N VAL A 773 3.20 11.72 -39.48
CA VAL A 773 3.55 12.78 -40.42
C VAL A 773 3.76 12.16 -41.79
N CYS A 774 4.39 11.01 -41.79
CA CYS A 774 4.66 10.32 -43.03
C CYS A 774 3.34 10.11 -43.75
N ILE A 775 2.42 9.40 -43.10
CA ILE A 775 1.10 9.09 -43.66
C ILE A 775 0.35 10.35 -44.09
N PHE A 776 0.57 11.45 -43.40
CA PHE A 776 -0.10 12.69 -43.74
C PHE A 776 0.45 13.28 -45.01
N LEU A 777 1.74 13.04 -45.26
CA LEU A 777 2.35 13.55 -46.47
C LEU A 777 1.94 12.64 -47.64
N THR A 778 2.23 11.35 -47.50
CA THR A 778 1.88 10.39 -48.54
C THR A 778 0.51 10.68 -49.14
N ALA A 779 -0.44 11.13 -48.32
CA ALA A 779 -1.80 11.42 -48.78
C ALA A 779 -2.08 12.89 -49.11
N ALA A 780 -1.32 13.81 -48.51
CA ALA A 780 -1.52 15.22 -48.79
C ALA A 780 -0.88 15.55 -50.14
N LEU A 781 -0.18 14.56 -50.69
CA LEU A 781 0.48 14.72 -51.97
C LEU A 781 -0.24 13.91 -53.04
N GLY A 782 -0.80 12.77 -52.60
CA GLY A 782 -1.50 11.90 -53.50
C GLY A 782 -0.58 10.84 -54.05
N LEU A 783 0.56 10.65 -53.39
CA LEU A 783 1.54 9.65 -53.82
C LEU A 783 1.30 8.25 -53.24
N PRO A 784 2.08 7.23 -53.66
CA PRO A 784 1.91 5.86 -53.17
C PRO A 784 2.27 5.61 -51.70
N GLU A 785 1.43 4.82 -51.04
CA GLU A 785 1.67 4.49 -49.64
C GLU A 785 3.12 4.08 -49.49
N ALA A 786 3.87 4.84 -48.69
CA ALA A 786 5.26 4.51 -48.46
C ALA A 786 5.33 3.46 -47.36
N LEU A 787 4.37 3.49 -46.43
CA LEU A 787 4.35 2.55 -45.32
C LEU A 787 3.01 1.88 -45.13
N ILE A 788 3.06 0.57 -44.90
CA ILE A 788 1.88 -0.27 -44.69
C ILE A 788 1.60 -0.63 -43.23
N PRO A 789 0.31 -0.67 -42.85
CA PRO A 789 -0.10 -1.01 -41.49
C PRO A 789 0.61 -2.25 -40.94
N VAL A 790 0.79 -3.24 -41.79
CA VAL A 790 1.43 -4.45 -41.32
C VAL A 790 2.83 -4.13 -40.84
N GLN A 791 3.55 -3.34 -41.63
CA GLN A 791 4.92 -2.97 -41.27
C GLN A 791 4.91 -2.12 -40.00
N LEU A 792 4.07 -1.10 -40.00
CA LEU A 792 3.96 -0.21 -38.86
C LEU A 792 3.76 -1.03 -37.60
N LEU A 793 2.82 -1.96 -37.63
CA LEU A 793 2.56 -2.82 -36.47
C LEU A 793 3.83 -3.55 -36.03
N TRP A 794 4.48 -4.22 -36.97
CA TRP A 794 5.70 -4.96 -36.64
C TRP A 794 6.69 -4.05 -35.94
N VAL A 795 6.78 -2.82 -36.42
CA VAL A 795 7.71 -1.87 -35.85
C VAL A 795 7.28 -1.36 -34.48
N ASN A 796 6.01 -0.99 -34.35
CA ASN A 796 5.49 -0.46 -33.09
C ASN A 796 5.41 -1.55 -32.04
N LEU A 797 5.37 -2.79 -32.49
CA LEU A 797 5.32 -3.88 -31.54
C LEU A 797 6.71 -4.43 -31.29
N VAL A 798 7.32 -5.00 -32.32
CA VAL A 798 8.64 -5.62 -32.20
C VAL A 798 9.91 -4.76 -32.26
N THR A 799 10.30 -4.29 -33.44
CA THR A 799 11.54 -3.50 -33.55
C THR A 799 11.68 -2.34 -32.57
N ASP A 800 10.59 -1.67 -32.24
CA ASP A 800 10.65 -0.55 -31.30
C ASP A 800 10.44 -0.99 -29.85
N GLY A 801 9.76 -2.11 -29.66
CA GLY A 801 9.54 -2.60 -28.31
C GLY A 801 10.85 -2.94 -27.63
N LEU A 802 11.65 -3.77 -28.29
CA LEU A 802 12.94 -4.17 -27.74
C LEU A 802 13.75 -2.98 -27.17
N PRO A 803 13.97 -1.93 -27.97
CA PRO A 803 14.73 -0.77 -27.47
C PRO A 803 13.97 -0.08 -26.34
N ALA A 804 12.65 -0.07 -26.44
CA ALA A 804 11.84 0.59 -25.43
C ALA A 804 12.01 -0.14 -24.09
N THR A 805 11.90 -1.45 -24.10
CA THR A 805 12.05 -2.19 -22.84
C THR A 805 13.46 -1.97 -22.31
N ALA A 806 14.43 -1.95 -23.20
CA ALA A 806 15.82 -1.73 -22.79
C ALA A 806 15.91 -0.41 -22.01
N LEU A 807 15.30 0.64 -22.56
CA LEU A 807 15.26 1.94 -21.91
C LEU A 807 14.71 1.85 -20.48
N GLY A 808 14.05 0.72 -20.19
CA GLY A 808 13.52 0.51 -18.86
C GLY A 808 14.66 0.27 -17.87
N PHE A 809 15.82 -0.17 -18.36
CA PHE A 809 16.95 -0.43 -17.47
C PHE A 809 17.98 0.67 -17.48
N ASN A 810 17.55 1.88 -17.81
CA ASN A 810 18.43 3.02 -17.85
C ASN A 810 18.96 3.30 -16.47
N PRO A 811 20.24 3.67 -16.38
CA PRO A 811 20.86 3.98 -15.09
C PRO A 811 20.05 5.05 -14.37
N PRO A 812 19.77 4.85 -13.08
CA PRO A 812 18.99 5.81 -12.28
C PRO A 812 19.82 7.02 -11.86
N ASP A 813 19.24 8.22 -11.97
CA ASP A 813 19.94 9.43 -11.56
C ASP A 813 20.41 9.26 -10.14
N LEU A 814 21.54 9.86 -9.83
CA LEU A 814 22.09 9.74 -8.50
C LEU A 814 21.40 10.70 -7.54
N ASP A 815 20.73 11.69 -8.08
CA ASP A 815 20.04 12.68 -7.26
C ASP A 815 18.53 12.41 -7.08
N ILE A 816 18.11 11.18 -7.35
CA ILE A 816 16.70 10.80 -7.24
C ILE A 816 16.04 11.20 -5.91
N MET A 817 16.70 10.85 -4.82
CA MET A 817 16.16 11.14 -3.49
C MET A 817 16.58 12.51 -2.94
N ASP A 818 16.86 13.45 -3.83
CA ASP A 818 17.26 14.77 -3.37
C ASP A 818 16.35 15.82 -3.95
N ARG A 819 15.50 15.38 -4.86
CA ARG A 819 14.55 16.29 -5.48
C ARG A 819 13.24 15.99 -4.78
N PRO A 820 12.32 16.96 -4.74
CA PRO A 820 11.01 16.77 -4.11
C PRO A 820 10.12 15.76 -4.87
N PRO A 821 8.91 15.45 -4.35
CA PRO A 821 8.04 14.49 -5.04
C PRO A 821 7.47 15.03 -6.35
N ARG A 822 7.47 14.19 -7.37
CA ARG A 822 6.98 14.61 -8.66
C ARG A 822 5.52 15.03 -8.62
N SER A 823 5.21 16.12 -9.31
CA SER A 823 3.82 16.57 -9.35
C SER A 823 3.10 15.61 -10.30
N PRO A 824 1.95 15.03 -9.87
CA PRO A 824 1.15 14.10 -10.66
C PRO A 824 0.62 14.69 -11.95
N LYS A 825 0.34 15.99 -11.89
CA LYS A 825 -0.18 16.76 -13.01
C LYS A 825 0.90 17.16 -14.02
N GLU A 826 2.15 16.77 -13.79
CA GLU A 826 3.22 17.12 -14.73
C GLU A 826 3.04 16.29 -15.99
N PRO A 827 2.94 16.96 -17.16
CA PRO A 827 2.76 16.33 -18.48
C PRO A 827 4.01 15.60 -18.95
N LEU A 828 3.81 14.48 -19.62
CA LEU A 828 4.93 13.70 -20.16
C LEU A 828 5.63 14.48 -21.27
N ILE A 829 4.87 15.26 -22.03
CA ILE A 829 5.43 16.09 -23.10
C ILE A 829 4.74 17.45 -23.26
N SER A 830 5.51 18.51 -23.11
CA SER A 830 4.99 19.88 -23.27
C SER A 830 6.20 20.79 -23.37
N GLY A 831 5.92 22.08 -23.61
CA GLY A 831 6.97 23.07 -23.73
C GLY A 831 7.97 22.78 -24.84
N TRP A 832 9.25 22.90 -24.53
CA TRP A 832 10.29 22.65 -25.51
C TRP A 832 10.30 21.20 -25.99
N LEU A 833 10.27 20.24 -25.06
CA LEU A 833 10.29 18.84 -25.47
C LEU A 833 9.23 18.53 -26.49
N PHE A 834 8.13 19.28 -26.43
CA PHE A 834 7.05 19.06 -27.37
C PHE A 834 7.57 19.41 -28.75
N PHE A 835 7.98 20.66 -28.89
CA PHE A 835 8.51 21.17 -30.12
C PHE A 835 9.55 20.24 -30.73
N ARG A 836 10.40 19.67 -29.89
CA ARG A 836 11.43 18.76 -30.38
C ARG A 836 10.82 17.59 -31.11
N TYR A 837 9.93 16.87 -30.45
CA TYR A 837 9.28 15.71 -31.06
C TYR A 837 8.44 16.19 -32.22
N MET A 838 7.92 17.40 -32.07
CA MET A 838 7.14 18.03 -33.11
C MET A 838 8.07 17.98 -34.33
N ALA A 839 9.23 18.63 -34.21
CA ALA A 839 10.25 18.68 -35.26
C ALA A 839 10.78 17.29 -35.66
N ILE A 840 11.30 16.54 -34.71
CA ILE A 840 11.80 15.19 -35.02
C ILE A 840 10.75 14.43 -35.84
N GLY A 841 9.50 14.51 -35.39
CA GLY A 841 8.43 13.82 -36.10
C GLY A 841 8.41 14.32 -37.52
N GLY A 842 8.43 15.64 -37.66
CA GLY A 842 8.44 16.26 -38.98
C GLY A 842 9.57 15.69 -39.81
N TYR A 843 10.67 15.35 -39.16
CA TYR A 843 11.82 14.83 -39.86
C TYR A 843 11.65 13.42 -40.40
N VAL A 844 11.28 12.49 -39.53
CA VAL A 844 11.13 11.11 -39.97
C VAL A 844 10.01 10.98 -40.99
N GLY A 845 8.99 11.84 -40.87
CA GLY A 845 7.88 11.82 -41.81
C GLY A 845 8.34 12.17 -43.20
N ALA A 846 9.34 13.05 -43.27
CA ALA A 846 9.93 13.47 -44.55
C ALA A 846 10.89 12.38 -45.04
N ALA A 847 11.83 12.01 -44.19
CA ALA A 847 12.82 10.98 -44.52
C ALA A 847 12.20 9.73 -45.14
N THR A 848 11.14 9.24 -44.52
CA THR A 848 10.45 8.03 -44.99
C THR A 848 9.73 8.20 -46.32
N VAL A 849 8.93 9.26 -46.42
CA VAL A 849 8.21 9.54 -47.65
C VAL A 849 9.21 9.83 -48.78
N GLY A 850 10.17 10.71 -48.49
CA GLY A 850 11.19 11.04 -49.47
C GLY A 850 11.98 9.80 -49.86
N ALA A 851 12.33 8.97 -48.87
CA ALA A 851 13.09 7.75 -49.14
C ALA A 851 12.44 6.91 -50.23
N ALA A 852 11.13 6.65 -50.10
CA ALA A 852 10.39 5.85 -51.08
C ALA A 852 10.18 6.60 -52.40
N ALA A 853 10.03 7.92 -52.32
CA ALA A 853 9.82 8.75 -53.50
C ALA A 853 11.15 8.89 -54.25
N TRP A 854 12.23 8.57 -53.56
CA TRP A 854 13.55 8.64 -54.14
C TRP A 854 13.78 7.43 -55.04
N TRP A 855 13.39 6.26 -54.56
CA TRP A 855 13.53 5.05 -55.36
C TRP A 855 12.61 5.17 -56.55
N PHE A 856 11.64 6.06 -56.44
CA PHE A 856 10.77 6.24 -57.57
C PHE A 856 11.50 7.22 -58.47
N MET A 857 11.68 8.45 -58.03
CA MET A 857 12.39 9.47 -58.80
C MET A 857 13.83 9.54 -58.35
N TYR A 858 14.82 9.34 -59.23
CA TYR A 858 16.28 9.38 -58.94
C TYR A 858 16.83 8.04 -58.56
N ALA A 859 16.06 7.02 -58.82
CA ALA A 859 16.55 5.69 -58.50
C ALA A 859 17.26 5.06 -59.66
N GLU A 860 18.29 4.29 -59.37
CA GLU A 860 19.01 3.61 -60.41
C GLU A 860 18.48 2.23 -60.70
N ASP A 861 17.66 1.69 -59.83
CA ASP A 861 17.11 0.35 -60.04
C ASP A 861 15.69 0.42 -60.59
N GLY A 862 14.95 1.44 -60.17
CA GLY A 862 13.58 1.59 -60.58
C GLY A 862 13.43 2.78 -61.50
N PRO A 863 12.40 2.75 -62.36
CA PRO A 863 12.14 3.83 -63.31
C PRO A 863 11.76 5.16 -62.65
N GLY A 864 12.76 6.01 -62.63
CA GLY A 864 12.57 7.29 -62.00
C GLY A 864 11.74 8.26 -62.80
N VAL A 865 10.47 8.47 -62.43
CA VAL A 865 9.61 9.43 -63.15
C VAL A 865 10.11 10.88 -63.00
N THR A 866 11.39 11.03 -62.62
CA THR A 866 12.10 12.32 -62.41
C THR A 866 11.34 13.24 -61.45
N TYR A 867 11.02 14.45 -61.86
CA TYR A 867 10.26 15.38 -61.04
C TYR A 867 8.79 15.47 -61.60
N HIS A 868 8.32 14.45 -62.33
CA HIS A 868 6.96 14.56 -62.87
C HIS A 868 5.97 13.98 -61.89
N GLN A 869 5.04 14.82 -61.36
CA GLN A 869 3.98 14.46 -60.41
C GLN A 869 3.72 12.97 -60.51
N LEU A 870 4.46 12.25 -59.69
CA LEU A 870 4.35 10.83 -59.69
C LEU A 870 3.12 10.47 -58.90
N THR A 871 2.49 11.50 -58.37
CA THR A 871 1.32 11.28 -57.57
C THR A 871 0.14 10.79 -58.39
N HIS A 872 -0.04 11.40 -59.55
CA HIS A 872 -1.14 10.98 -60.37
C HIS A 872 -1.11 9.52 -60.77
N PHE A 873 -0.23 8.75 -60.11
CA PHE A 873 -0.05 7.31 -60.34
C PHE A 873 -1.38 6.58 -60.41
N MET A 874 -2.41 7.21 -59.86
CA MET A 874 -3.77 6.68 -59.86
C MET A 874 -4.32 6.53 -61.30
N GLN A 875 -3.73 7.28 -62.23
CA GLN A 875 -4.15 7.31 -63.62
C GLN A 875 -3.00 6.87 -64.52
N CYS A 876 -2.87 5.58 -64.76
CA CYS A 876 -1.78 5.11 -65.59
C CYS A 876 -2.30 4.26 -66.71
N THR A 877 -3.14 3.29 -66.36
CA THR A 877 -3.72 2.41 -67.39
C THR A 877 -4.61 3.17 -68.40
N GLU A 878 -5.44 4.05 -67.85
CA GLU A 878 -6.35 4.88 -68.65
C GLU A 878 -5.56 5.89 -69.47
N ASP A 879 -4.50 6.41 -68.87
CA ASP A 879 -3.69 7.41 -69.53
C ASP A 879 -2.27 6.95 -69.88
N HIS A 880 -2.14 5.70 -70.34
CA HIS A 880 -0.81 5.22 -70.68
C HIS A 880 -0.12 5.99 -71.81
N PRO A 881 -0.76 7.09 -72.32
CA PRO A 881 -0.04 7.79 -73.39
C PRO A 881 0.34 9.22 -72.94
N HIS A 882 -0.16 9.64 -71.78
CA HIS A 882 0.14 10.99 -71.32
C HIS A 882 1.08 10.95 -70.12
N PHE A 883 2.37 10.79 -70.43
CA PHE A 883 3.44 10.73 -69.42
C PHE A 883 3.73 9.32 -68.92
N GLU A 884 3.04 8.31 -69.44
CA GLU A 884 3.29 6.94 -68.98
C GLU A 884 3.66 5.97 -70.09
N GLY A 885 4.92 5.98 -70.47
CA GLY A 885 5.34 5.06 -71.50
C GLY A 885 6.02 3.85 -70.91
N LEU A 886 5.50 3.31 -69.82
CA LEU A 886 6.10 2.12 -69.20
C LEU A 886 5.07 1.35 -68.39
N ASP A 887 5.50 0.33 -67.66
CA ASP A 887 4.57 -0.50 -66.88
C ASP A 887 3.70 0.36 -65.96
N CYS A 888 2.89 -0.26 -65.11
CA CYS A 888 2.03 0.49 -64.20
C CYS A 888 2.03 -0.15 -62.84
N GLU A 889 2.72 -1.26 -62.71
CA GLU A 889 2.77 -1.94 -61.44
C GLU A 889 3.94 -1.43 -60.62
N ILE A 890 4.79 -0.60 -61.24
CA ILE A 890 5.95 -0.05 -60.55
C ILE A 890 5.53 0.73 -59.32
N PHE A 891 4.27 1.12 -59.28
CA PHE A 891 3.76 1.85 -58.13
C PHE A 891 3.53 0.99 -56.91
N GLU A 892 3.43 -0.32 -57.12
CA GLU A 892 3.21 -1.24 -56.02
C GLU A 892 4.50 -1.99 -55.72
N ALA A 893 5.62 -1.49 -56.22
CA ALA A 893 6.93 -2.13 -56.00
C ALA A 893 7.27 -2.20 -54.51
N PRO A 894 7.97 -3.27 -54.10
CA PRO A 894 8.39 -3.53 -52.70
C PRO A 894 9.59 -2.69 -52.30
N GLU A 895 10.46 -2.40 -53.26
CA GLU A 895 11.66 -1.63 -53.01
C GLU A 895 11.41 -0.28 -52.38
N PRO A 896 10.47 0.50 -52.93
CA PRO A 896 10.20 1.82 -52.35
C PRO A 896 9.69 1.75 -50.91
N MET A 897 8.96 0.70 -50.58
CA MET A 897 8.46 0.57 -49.23
C MET A 897 9.55 0.10 -48.28
N THR A 898 10.35 -0.87 -48.69
CA THR A 898 11.42 -1.36 -47.82
C THR A 898 12.42 -0.21 -47.67
N MET A 899 12.37 0.72 -48.61
CA MET A 899 13.26 1.87 -48.54
C MET A 899 12.80 2.72 -47.36
N ALA A 900 11.55 3.14 -47.40
CA ALA A 900 10.98 3.97 -46.33
C ALA A 900 10.89 3.22 -44.98
N LEU A 901 10.68 1.92 -45.04
CA LEU A 901 10.58 1.16 -43.82
C LEU A 901 11.95 1.07 -43.17
N SER A 902 12.98 0.89 -43.97
CA SER A 902 14.31 0.80 -43.40
C SER A 902 14.84 2.14 -42.91
N VAL A 903 14.32 3.26 -43.42
CA VAL A 903 14.79 4.55 -42.92
C VAL A 903 14.13 4.71 -41.55
N LEU A 904 12.89 4.26 -41.46
CA LEU A 904 12.19 4.34 -40.19
C LEU A 904 12.96 3.49 -39.19
N VAL A 905 13.01 2.18 -39.43
CA VAL A 905 13.73 1.28 -38.55
C VAL A 905 15.05 1.87 -38.07
N THR A 906 15.87 2.41 -38.97
CA THR A 906 17.11 2.98 -38.49
C THR A 906 16.95 4.31 -37.78
N ILE A 907 16.04 5.17 -38.24
CA ILE A 907 15.84 6.44 -37.52
C ILE A 907 15.37 6.12 -36.09
N GLU A 908 14.64 5.03 -35.95
CA GLU A 908 14.17 4.63 -34.63
C GLU A 908 15.29 4.17 -33.75
N MET A 909 16.21 3.38 -34.27
CA MET A 909 17.34 2.94 -33.44
C MET A 909 18.14 4.17 -33.02
N CYS A 910 18.20 5.16 -33.90
CA CYS A 910 18.92 6.38 -33.58
C CYS A 910 18.21 7.14 -32.49
N ASN A 911 16.88 7.17 -32.57
CA ASN A 911 16.09 7.88 -31.59
C ASN A 911 16.14 7.16 -30.24
N ALA A 912 16.23 5.83 -30.29
CA ALA A 912 16.31 5.03 -29.08
C ALA A 912 17.62 5.33 -28.35
N LEU A 913 18.52 6.04 -29.02
CA LEU A 913 19.80 6.41 -28.42
C LEU A 913 19.68 7.85 -27.94
N ASN A 914 18.87 8.64 -28.64
CA ASN A 914 18.67 10.03 -28.23
C ASN A 914 17.79 10.08 -26.97
N SER A 915 17.22 8.92 -26.63
CA SER A 915 16.34 8.81 -25.47
C SER A 915 17.00 8.30 -24.21
N LEU A 916 18.32 8.09 -24.23
CA LEU A 916 18.99 7.62 -23.03
C LEU A 916 18.96 8.73 -21.99
N SER A 917 18.83 9.96 -22.47
CA SER A 917 18.75 11.13 -21.62
C SER A 917 17.87 12.20 -22.25
N GLU A 918 17.10 12.91 -21.44
CA GLU A 918 16.23 13.95 -21.98
C GLU A 918 17.05 15.11 -22.54
N ASN A 919 18.05 15.57 -21.78
CA ASN A 919 18.87 16.67 -22.24
C ASN A 919 20.36 16.40 -22.42
N GLN A 920 20.88 15.35 -21.80
CA GLN A 920 22.31 15.10 -21.94
C GLN A 920 22.68 14.58 -23.33
N SER A 921 23.71 15.20 -23.89
CA SER A 921 24.22 14.83 -25.21
C SER A 921 24.79 13.41 -25.17
N LEU A 922 24.94 12.80 -26.34
CA LEU A 922 25.46 11.46 -26.43
C LEU A 922 26.96 11.35 -26.13
N MET A 923 27.65 12.49 -26.20
CA MET A 923 29.07 12.50 -25.89
C MET A 923 29.21 12.40 -24.38
N ARG A 924 28.33 13.10 -23.67
CA ARG A 924 28.34 13.09 -22.20
C ARG A 924 27.75 11.77 -21.68
N MET A 925 26.62 11.32 -22.24
CA MET A 925 26.06 10.04 -21.81
C MET A 925 26.04 9.14 -23.03
N PRO A 926 27.11 8.34 -23.20
CA PRO A 926 27.26 7.42 -24.32
C PRO A 926 26.32 6.22 -24.32
N PRO A 927 25.95 5.75 -25.51
CA PRO A 927 25.06 4.61 -25.63
C PRO A 927 25.49 3.42 -24.77
N TRP A 928 26.79 3.19 -24.66
CA TRP A 928 27.25 2.04 -23.87
C TRP A 928 26.89 2.12 -22.39
N VAL A 929 26.30 3.22 -21.96
CA VAL A 929 25.88 3.37 -20.55
C VAL A 929 24.85 2.29 -20.19
N ASN A 930 24.05 1.93 -21.18
CA ASN A 930 23.00 0.93 -21.05
C ASN A 930 23.29 -0.16 -22.07
N ILE A 931 24.00 -1.20 -21.64
CA ILE A 931 24.33 -2.30 -22.55
C ILE A 931 23.09 -2.86 -23.21
N TRP A 932 22.05 -3.10 -22.42
CA TRP A 932 20.82 -3.66 -22.95
C TRP A 932 20.35 -2.91 -24.20
N LEU A 933 20.33 -1.59 -24.13
CA LEU A 933 19.90 -0.77 -25.25
C LEU A 933 20.61 -1.18 -26.53
N LEU A 934 21.95 -1.15 -26.52
CA LEU A 934 22.72 -1.53 -27.70
C LEU A 934 22.40 -2.95 -28.15
N GLY A 935 22.48 -3.88 -27.21
CA GLY A 935 22.20 -5.28 -27.53
C GLY A 935 20.85 -5.46 -28.18
N SER A 936 19.84 -4.76 -27.66
CA SER A 936 18.49 -4.87 -28.21
C SER A 936 18.48 -4.36 -29.65
N ILE A 937 19.20 -3.28 -29.91
CA ILE A 937 19.27 -2.70 -31.25
C ILE A 937 19.78 -3.70 -32.29
N CYS A 938 20.64 -4.62 -31.86
CA CYS A 938 21.15 -5.60 -32.80
C CYS A 938 20.07 -6.61 -33.07
N LEU A 939 19.36 -7.00 -32.02
CA LEU A 939 18.29 -7.98 -32.20
C LEU A 939 17.19 -7.39 -33.11
N SER A 940 17.01 -6.08 -33.03
CA SER A 940 16.00 -5.38 -33.83
C SER A 940 16.41 -5.35 -35.29
N MET A 941 17.64 -4.89 -35.53
CA MET A 941 18.17 -4.78 -36.87
C MET A 941 18.16 -6.13 -37.55
N SER A 942 18.73 -7.14 -36.89
CA SER A 942 18.74 -8.48 -37.47
C SER A 942 17.31 -8.98 -37.70
N LEU A 943 16.44 -8.76 -36.72
CA LEU A 943 15.04 -9.18 -36.87
C LEU A 943 14.43 -8.53 -38.09
N HIS A 944 14.92 -7.31 -38.39
CA HIS A 944 14.52 -6.50 -39.59
C HIS A 944 14.90 -7.31 -40.85
N PHE A 945 16.14 -7.83 -40.86
CA PHE A 945 16.63 -8.62 -41.99
C PHE A 945 15.83 -9.91 -42.05
N LEU A 946 15.47 -10.42 -40.88
CA LEU A 946 14.69 -11.65 -40.82
C LEU A 946 13.48 -11.53 -41.73
N ILE A 947 12.83 -10.36 -41.68
CA ILE A 947 11.65 -10.14 -42.50
C ILE A 947 11.96 -9.68 -43.92
N LEU A 948 13.24 -9.56 -44.25
CA LEU A 948 13.63 -9.15 -45.61
C LEU A 948 14.07 -10.35 -46.42
N TYR A 949 14.59 -11.35 -45.72
CA TYR A 949 15.08 -12.56 -46.37
C TYR A 949 14.16 -13.75 -46.25
N VAL A 950 13.97 -14.26 -45.03
CA VAL A 950 13.11 -15.42 -44.83
C VAL A 950 11.86 -15.32 -45.69
N ASP A 951 11.60 -16.37 -46.45
CA ASP A 951 10.46 -16.43 -47.36
C ASP A 951 9.10 -15.87 -46.97
N PRO A 952 8.35 -16.61 -46.14
CA PRO A 952 7.04 -16.03 -45.78
C PRO A 952 7.03 -14.49 -45.64
N LEU A 953 7.76 -14.03 -44.64
CA LEU A 953 7.86 -12.62 -44.25
C LEU A 953 7.83 -11.48 -45.29
N PRO A 954 8.86 -11.38 -46.14
CA PRO A 954 8.93 -10.34 -47.16
C PRO A 954 7.72 -10.35 -48.07
N MET A 955 7.37 -11.55 -48.50
CA MET A 955 6.24 -11.76 -49.37
C MET A 955 4.98 -11.12 -48.80
N ILE A 956 4.78 -11.31 -47.50
CA ILE A 956 3.61 -10.78 -46.84
C ILE A 956 3.79 -9.38 -46.26
N PHE A 957 5.04 -8.94 -46.13
CA PHE A 957 5.30 -7.61 -45.62
C PHE A 957 5.48 -6.65 -46.77
N LYS A 958 5.34 -7.16 -48.00
CA LYS A 958 5.50 -6.34 -49.19
C LYS A 958 6.91 -5.73 -49.21
N LEU A 959 7.90 -6.56 -48.84
CA LEU A 959 9.29 -6.11 -48.77
C LEU A 959 10.26 -7.00 -49.53
N LYS A 960 11.25 -6.40 -50.16
CA LYS A 960 12.25 -7.18 -50.87
C LYS A 960 13.61 -6.56 -50.54
N ALA A 961 14.52 -7.40 -50.08
CA ALA A 961 15.86 -6.98 -49.69
C ALA A 961 16.37 -5.89 -50.61
N LEU A 962 17.12 -4.95 -50.06
CA LEU A 962 17.66 -3.91 -50.91
C LEU A 962 19.18 -4.02 -50.91
N ASP A 963 19.80 -3.70 -52.04
CA ASP A 963 21.25 -3.82 -52.17
C ASP A 963 22.07 -2.95 -51.21
N LEU A 964 23.37 -3.15 -51.26
CA LEU A 964 24.29 -2.43 -50.39
C LEU A 964 24.45 -0.94 -50.69
N THR A 965 23.89 -0.48 -51.81
CA THR A 965 23.98 0.93 -52.17
C THR A 965 22.73 1.69 -51.77
N GLN A 966 21.61 0.99 -51.73
CA GLN A 966 20.37 1.64 -51.32
C GLN A 966 20.48 1.81 -49.80
N TRP A 967 20.98 0.76 -49.14
CA TRP A 967 21.16 0.76 -47.69
C TRP A 967 21.90 2.00 -47.25
N LEU A 968 22.94 2.35 -47.99
CA LEU A 968 23.71 3.54 -47.65
C LEU A 968 22.82 4.77 -47.81
N MET A 969 21.87 4.70 -48.72
CA MET A 969 20.96 5.81 -48.91
C MET A 969 20.18 5.94 -47.59
N VAL A 970 19.79 4.80 -47.04
CA VAL A 970 19.06 4.76 -45.78
C VAL A 970 19.86 5.53 -44.73
N LEU A 971 21.09 5.07 -44.49
CA LEU A 971 21.97 5.70 -43.50
C LEU A 971 22.15 7.19 -43.66
N LYS A 972 22.23 7.66 -44.90
CA LYS A 972 22.40 9.09 -45.14
C LYS A 972 21.15 9.86 -44.75
N ILE A 973 20.00 9.21 -44.90
CA ILE A 973 18.75 9.86 -44.58
C ILE A 973 18.45 9.82 -43.08
N SER A 974 18.57 8.63 -42.50
CA SER A 974 18.29 8.44 -41.07
C SER A 974 19.33 9.00 -40.11
N LEU A 975 20.58 8.53 -40.20
CA LEU A 975 21.65 8.98 -39.31
C LEU A 975 21.66 10.44 -38.91
N PRO A 976 21.32 11.35 -39.84
CA PRO A 976 21.32 12.77 -39.47
C PRO A 976 20.48 13.09 -38.25
N VAL A 977 19.40 12.32 -38.04
CA VAL A 977 18.50 12.52 -36.90
C VAL A 977 19.26 12.73 -35.59
N ILE A 978 20.24 11.87 -35.34
CA ILE A 978 21.05 11.96 -34.15
C ILE A 978 21.62 13.37 -34.00
N GLY A 979 21.90 13.99 -35.14
CA GLY A 979 22.45 15.32 -35.14
C GLY A 979 21.39 16.37 -34.87
N LEU A 980 20.27 16.25 -35.56
CA LEU A 980 19.15 17.18 -35.41
C LEU A 980 18.77 17.34 -33.95
N ASP A 981 18.75 16.21 -33.25
CA ASP A 981 18.37 16.21 -31.84
C ASP A 981 19.51 16.74 -30.97
N GLU A 982 20.73 16.30 -31.27
CA GLU A 982 21.87 16.77 -30.51
C GLU A 982 21.86 18.29 -30.44
N ILE A 983 21.45 18.91 -31.55
CA ILE A 983 21.37 20.36 -31.64
C ILE A 983 20.27 20.91 -30.72
N LEU A 984 19.09 20.30 -30.82
CA LEU A 984 17.94 20.69 -30.02
C LEU A 984 18.20 20.49 -28.52
N LYS A 985 19.01 19.50 -28.20
CA LYS A 985 19.37 19.23 -26.81
C LYS A 985 20.29 20.36 -26.37
N PHE A 986 21.23 20.71 -27.25
CA PHE A 986 22.18 21.76 -26.97
C PHE A 986 21.42 23.03 -26.63
N ILE A 987 20.39 23.32 -27.42
CA ILE A 987 19.58 24.51 -27.18
C ILE A 987 18.94 24.48 -25.82
N ALA A 988 18.48 23.30 -25.40
CA ALA A 988 17.84 23.14 -24.09
C ALA A 988 18.83 23.37 -22.96
N ARG A 989 19.95 22.65 -22.99
CA ARG A 989 21.00 22.75 -21.97
C ARG A 989 21.56 24.17 -21.86
N ASN A 990 21.89 24.78 -22.99
CA ASN A 990 22.46 26.12 -22.98
C ASN A 990 21.44 27.26 -23.08
N TYR A 991 21.16 27.73 -24.29
CA TYR A 991 20.20 28.83 -24.50
C TYR A 991 18.76 28.49 -24.12
N LEU A 992 18.52 28.32 -22.83
CA LEU A 992 17.19 27.98 -22.33
C LEU A 992 17.30 27.83 -20.81
N GLU A 993 16.32 28.36 -20.09
CA GLU A 993 16.32 28.28 -18.62
C GLU A 993 16.21 26.81 -18.14
N GLY A 994 17.18 25.98 -18.52
CA GLY A 994 17.18 24.58 -18.13
C GLY A 994 18.59 24.06 -17.91
#